data_2FXR
#
_entry.id   2FXR
#
_cell.length_a   78.202
_cell.length_b   78.202
_cell.length_c   165.516
_cell.angle_alpha   90.00
_cell.angle_beta   90.00
_cell.angle_gamma   120.00
#
_symmetry.space_group_name_H-M   'P 31'
#
loop_
_entity.id
_entity.type
_entity.pdbx_description
1 polymer 'Tryptase beta-2'
2 non-polymer 'ALLYL {(1S)-1-[(5-{4-[(2,3-DIHYDRO-1H-INDEN-2-YLAMINO)CARBONYL]BENZYL}-1,2,4-OXADIAZOL-3-YL)CARBONYL]-3-PYRROLIDIN-3-YLPROPYL}CARBAMATE'
3 water water
#
_entity_poly.entity_id   1
_entity_poly.type   'polypeptide(L)'
_entity_poly.pdbx_seq_one_letter_code
;IVGGQEAPRSKWPWQVSLRVHGPYWMHFCGGSLIHPQWVLTAAHCVGPDVKDLAALRVQLREQHLYYQDQLLPVSRIIVH
PQFYTAQIGADIALLELEEPVKVSSHVHTVTLPPASETFPPGMPCWVTGWGDVDNDERLPPPFPLKQVKVPIMENHICDA
KYHLGAYTGDDVRIVRDDMLCAGNTRRDSCQGDSGGPLVCKVNGTWLQAGVVSWGEGCAQPNRPGIYTRVTYYLDWIHHY
VPKKP
;
_entity_poly.pdbx_strand_id   A,B,C,D
#
loop_
_chem_comp.id
_chem_comp.type
_chem_comp.name
_chem_comp.formula
C3A non-polymer 'ALLYL {(1S)-1-[(5-{4-[(2,3-DIHYDRO-1H-INDEN-2-YLAMINO)CARBONYL]BENZYL}-1,2,4-OXADIAZOL-3-YL)CARBONYL]-3-PYRROLIDIN-3-YLPROPYL}CARBAMATE' 'C31 H35 N5 O5'
#
# COMPACT_ATOMS: atom_id res chain seq x y z
N ILE A 1 13.19 -10.56 -14.96
CA ILE A 1 14.64 -10.75 -15.21
C ILE A 1 15.51 -9.61 -14.65
N VAL A 2 16.61 -9.99 -14.00
CA VAL A 2 17.52 -9.02 -13.41
C VAL A 2 18.84 -8.96 -14.17
N GLY A 3 19.21 -7.76 -14.57
CA GLY A 3 20.45 -7.58 -15.30
C GLY A 3 20.47 -8.11 -16.72
N GLY A 4 19.33 -8.10 -17.41
CA GLY A 4 19.32 -8.57 -18.77
C GLY A 4 19.18 -7.45 -19.76
N GLN A 5 18.51 -7.74 -20.87
CA GLN A 5 18.26 -6.77 -21.93
C GLN A 5 16.95 -7.21 -22.56
N GLU A 6 16.31 -6.33 -23.32
CA GLU A 6 15.05 -6.71 -23.95
C GLU A 6 15.35 -7.79 -25.00
N ALA A 7 14.49 -8.79 -25.11
CA ALA A 7 14.72 -9.88 -26.06
C ALA A 7 14.20 -9.65 -27.47
N PRO A 8 14.94 -10.12 -28.48
CA PRO A 8 14.55 -9.97 -29.88
C PRO A 8 13.26 -10.76 -30.18
N ARG A 9 12.52 -10.34 -31.20
CA ARG A 9 11.27 -11.00 -31.53
C ARG A 9 11.41 -12.45 -31.99
N SER A 10 12.57 -12.79 -32.53
CA SER A 10 12.80 -14.14 -33.06
C SER A 10 13.36 -15.16 -32.07
N LYS A 11 13.53 -14.75 -30.81
CA LYS A 11 14.06 -15.67 -29.82
C LYS A 11 13.03 -16.11 -28.79
N TRP A 12 13.24 -17.28 -28.23
CA TRP A 12 12.36 -17.84 -27.20
C TRP A 12 10.93 -18.04 -27.66
N PRO A 13 10.72 -18.85 -28.73
CA PRO A 13 9.40 -19.16 -29.30
C PRO A 13 8.50 -19.97 -28.35
N TRP A 14 9.12 -20.60 -27.34
CA TRP A 14 8.42 -21.42 -26.37
C TRP A 14 7.95 -20.68 -25.11
N GLN A 15 8.47 -19.49 -24.89
CA GLN A 15 8.13 -18.69 -23.72
C GLN A 15 6.66 -18.32 -23.69
N VAL A 16 6.00 -18.62 -22.57
CA VAL A 16 4.59 -18.25 -22.46
C VAL A 16 4.30 -17.51 -21.14
N SER A 17 3.09 -16.98 -21.04
CA SER A 17 2.66 -16.24 -19.87
C SER A 17 1.34 -16.80 -19.35
N LEU A 18 1.26 -16.99 -18.03
CA LEU A 18 0.05 -17.51 -17.40
C LEU A 18 -0.75 -16.34 -16.83
N ARG A 19 -2.04 -16.30 -17.13
CA ARG A 19 -2.89 -15.22 -16.63
C ARG A 19 -4.00 -15.72 -15.72
N VAL A 20 -4.29 -14.92 -14.70
CA VAL A 20 -5.34 -15.24 -13.75
C VAL A 20 -6.40 -14.16 -13.89
N HIS A 21 -7.66 -14.57 -13.86
CA HIS A 21 -8.79 -13.65 -14.00
C HIS A 21 -8.86 -12.61 -12.88
N GLY A 22 -9.34 -11.42 -13.22
CA GLY A 22 -9.47 -10.35 -12.26
C GLY A 22 -9.90 -9.11 -13.04
N PRO A 23 -9.54 -7.89 -12.59
CA PRO A 23 -9.93 -6.68 -13.32
C PRO A 23 -9.48 -6.78 -14.78
N TYR A 24 -8.44 -7.58 -15.00
CA TYR A 24 -7.90 -7.88 -16.32
C TYR A 24 -7.15 -9.19 -16.19
N TRP A 25 -6.83 -9.85 -17.30
CA TRP A 25 -6.12 -11.12 -17.24
C TRP A 25 -4.65 -10.85 -16.99
N MET A 26 -4.33 -10.80 -15.71
CA MET A 26 -2.99 -10.49 -15.25
C MET A 26 -1.97 -11.62 -15.25
N HIS A 27 -0.73 -11.26 -15.57
CA HIS A 27 0.37 -12.20 -15.61
C HIS A 27 0.83 -12.49 -14.18
N PHE A 28 0.85 -13.74 -13.79
CA PHE A 28 1.32 -14.08 -12.46
C PHE A 28 2.53 -15.02 -12.52
N CYS A 29 2.67 -15.77 -13.61
CA CYS A 29 3.80 -16.70 -13.79
C CYS A 29 4.19 -16.96 -15.24
N GLY A 30 5.34 -17.60 -15.42
CA GLY A 30 5.83 -17.94 -16.75
C GLY A 30 5.63 -19.42 -17.07
N GLY A 31 5.94 -19.80 -18.30
CA GLY A 31 5.78 -21.19 -18.72
C GLY A 31 6.47 -21.45 -20.05
N SER A 32 6.34 -22.67 -20.57
CA SER A 32 6.96 -23.01 -21.85
C SER A 32 6.14 -24.07 -22.58
N LEU A 33 6.05 -23.93 -23.89
CA LEU A 33 5.29 -24.88 -24.69
C LEU A 33 6.21 -26.03 -25.05
N ILE A 34 5.85 -27.23 -24.56
CA ILE A 34 6.64 -28.43 -24.85
C ILE A 34 5.93 -29.37 -25.82
N HIS A 35 4.69 -29.04 -26.17
CA HIS A 35 3.90 -29.84 -27.09
C HIS A 35 2.75 -28.94 -27.49
N PRO A 36 2.24 -29.10 -28.72
CA PRO A 36 1.12 -28.29 -29.21
C PRO A 36 -0.03 -28.19 -28.22
N GLN A 37 -0.11 -29.12 -27.28
CA GLN A 37 -1.18 -29.09 -26.30
C GLN A 37 -0.73 -29.03 -24.85
N TRP A 38 0.58 -28.93 -24.62
CA TRP A 38 1.06 -28.88 -23.25
C TRP A 38 2.00 -27.75 -22.93
N VAL A 39 1.88 -27.24 -21.71
CA VAL A 39 2.72 -26.16 -21.19
C VAL A 39 3.36 -26.58 -19.88
N LEU A 40 4.67 -26.37 -19.77
CA LEU A 40 5.42 -26.71 -18.57
C LEU A 40 5.60 -25.43 -17.74
N THR A 41 5.41 -25.57 -16.44
CA THR A 41 5.56 -24.46 -15.52
C THR A 41 5.89 -24.96 -14.12
N ALA A 42 6.02 -24.04 -13.17
CA ALA A 42 6.32 -24.38 -11.78
C ALA A 42 5.08 -24.83 -11.04
N ALA A 43 5.23 -25.83 -10.20
CA ALA A 43 4.09 -26.30 -9.44
C ALA A 43 3.60 -25.23 -8.45
N HIS A 44 4.51 -24.38 -7.94
CA HIS A 44 4.05 -23.38 -6.98
C HIS A 44 3.21 -22.29 -7.61
N CYS A 45 3.32 -22.15 -8.92
CA CYS A 45 2.53 -21.17 -9.66
C CYS A 45 1.03 -21.50 -9.64
N VAL A 46 0.69 -22.78 -9.69
CA VAL A 46 -0.71 -23.21 -9.71
C VAL A 46 -1.15 -24.09 -8.55
N GLY A 47 -0.26 -24.38 -7.61
CA GLY A 47 -0.61 -25.21 -6.48
C GLY A 47 0.01 -24.71 -5.19
N PRO A 48 0.02 -25.51 -4.11
CA PRO A 48 -0.48 -26.88 -3.94
C PRO A 48 -2.00 -27.07 -3.95
N ASP A 49 -2.75 -26.01 -3.72
CA ASP A 49 -4.21 -26.13 -3.69
C ASP A 49 -4.87 -26.11 -5.06
N VAL A 50 -5.92 -26.91 -5.21
CA VAL A 50 -6.65 -26.99 -6.47
C VAL A 50 -7.34 -25.66 -6.79
N LYS A 51 -7.23 -25.25 -8.05
CA LYS A 51 -7.81 -23.99 -8.49
C LYS A 51 -8.92 -24.17 -9.51
N ASP A 52 -9.70 -23.11 -9.70
CA ASP A 52 -10.79 -23.08 -10.67
C ASP A 52 -10.11 -22.88 -12.03
N LEU A 53 -10.20 -23.89 -12.88
CA LEU A 53 -9.58 -23.83 -14.21
C LEU A 53 -10.04 -22.63 -15.04
N ALA A 54 -11.33 -22.37 -15.02
CA ALA A 54 -11.92 -21.26 -15.77
C ALA A 54 -11.23 -19.93 -15.47
N ALA A 55 -10.75 -19.79 -14.24
CA ALA A 55 -10.09 -18.56 -13.82
C ALA A 55 -8.67 -18.45 -14.36
N LEU A 56 -8.24 -19.45 -15.12
CA LEU A 56 -6.88 -19.45 -15.66
C LEU A 56 -6.81 -19.42 -17.17
N ARG A 57 -5.81 -18.73 -17.70
CA ARG A 57 -5.61 -18.65 -19.13
C ARG A 57 -4.13 -18.58 -19.44
N VAL A 58 -3.79 -18.99 -20.65
CA VAL A 58 -2.41 -19.00 -21.08
C VAL A 58 -2.25 -18.20 -22.37
N GLN A 59 -1.21 -17.36 -22.39
CA GLN A 59 -0.88 -16.53 -23.53
C GLN A 59 0.44 -17.02 -24.14
N LEU A 60 0.45 -17.23 -25.46
CA LEU A 60 1.65 -17.68 -26.17
C LEU A 60 2.64 -16.54 -26.31
N ARG A 61 3.84 -16.84 -26.81
CA ARG A 61 4.88 -15.82 -26.94
C ARG A 61 4.32 -14.48 -27.40
N GLU A 62 4.73 -13.43 -26.69
CA GLU A 62 4.28 -12.06 -26.95
C GLU A 62 5.49 -11.15 -26.76
N GLN A 63 5.64 -10.13 -27.60
CA GLN A 63 6.79 -9.24 -27.43
C GLN A 63 6.55 -8.32 -26.24
N HIS A 64 5.30 -7.89 -26.06
CA HIS A 64 4.94 -7.02 -24.93
C HIS A 64 3.64 -7.46 -24.26
N LEU A 65 3.72 -7.82 -22.99
CA LEU A 65 2.53 -8.25 -22.26
C LEU A 65 1.31 -7.36 -22.41
N TYR A 66 0.17 -8.00 -22.66
CA TYR A 66 -1.14 -7.34 -22.78
C TYR A 66 -1.44 -6.60 -24.08
N TYR A 67 -0.39 -6.25 -24.83
CA TYR A 67 -0.54 -5.52 -26.09
C TYR A 67 -1.39 -6.24 -27.12
N GLN A 68 -0.99 -7.47 -27.46
CA GLN A 68 -1.69 -8.26 -28.48
C GLN A 68 -2.18 -9.60 -27.92
N ASP A 69 -2.99 -9.57 -26.87
CA ASP A 69 -3.48 -10.80 -26.26
C ASP A 69 -4.44 -11.67 -27.07
N GLN A 70 -4.19 -12.98 -27.04
CA GLN A 70 -5.02 -13.96 -27.70
C GLN A 70 -5.08 -15.13 -26.72
N LEU A 71 -5.62 -14.87 -25.54
CA LEU A 71 -5.70 -15.88 -24.47
C LEU A 71 -6.32 -17.24 -24.82
N LEU A 72 -5.65 -18.30 -24.38
CA LEU A 72 -6.08 -19.68 -24.62
C LEU A 72 -6.52 -20.38 -23.33
N PRO A 73 -7.74 -20.94 -23.32
CA PRO A 73 -8.26 -21.65 -22.13
C PRO A 73 -7.52 -22.96 -21.82
N VAL A 74 -7.61 -23.40 -20.56
CA VAL A 74 -6.94 -24.62 -20.10
C VAL A 74 -7.94 -25.68 -19.64
N SER A 75 -7.70 -26.92 -20.01
CA SER A 75 -8.63 -27.99 -19.63
C SER A 75 -8.15 -28.79 -18.44
N ARG A 76 -6.84 -28.79 -18.21
CA ARG A 76 -6.31 -29.58 -17.13
C ARG A 76 -5.05 -29.02 -16.48
N ILE A 77 -5.00 -29.09 -15.16
CA ILE A 77 -3.84 -28.63 -14.36
C ILE A 77 -3.24 -29.89 -13.75
N ILE A 78 -2.01 -30.22 -14.09
CA ILE A 78 -1.39 -31.42 -13.52
C ILE A 78 -0.15 -31.02 -12.73
N VAL A 79 -0.24 -31.16 -11.41
CA VAL A 79 0.86 -30.79 -10.52
C VAL A 79 1.50 -32.04 -9.94
N HIS A 80 2.84 -32.06 -9.93
CA HIS A 80 3.54 -33.23 -9.40
C HIS A 80 3.09 -33.51 -7.97
N PRO A 81 2.50 -34.69 -7.74
CA PRO A 81 1.99 -35.13 -6.43
C PRO A 81 2.93 -34.97 -5.24
N GLN A 82 4.22 -34.84 -5.50
CA GLN A 82 5.22 -34.68 -4.45
C GLN A 82 5.38 -33.24 -3.98
N PHE A 83 4.82 -32.31 -4.72
CA PHE A 83 4.95 -30.91 -4.40
C PHE A 83 4.08 -30.40 -3.27
N TYR A 84 4.65 -29.50 -2.48
CA TYR A 84 3.93 -28.85 -1.41
C TYR A 84 4.51 -27.44 -1.27
N THR A 85 5.84 -27.33 -1.20
CA THR A 85 6.50 -26.02 -1.14
C THR A 85 7.70 -26.09 -2.09
N ALA A 86 8.18 -24.96 -2.58
CA ALA A 86 9.31 -24.98 -3.51
C ALA A 86 10.62 -25.33 -2.84
N GLN A 87 10.83 -24.88 -1.61
CA GLN A 87 12.06 -25.17 -0.88
C GLN A 87 12.22 -26.67 -0.70
N ILE A 88 11.09 -27.36 -0.51
CA ILE A 88 11.08 -28.79 -0.32
C ILE A 88 11.40 -29.49 -1.62
N GLY A 89 10.71 -29.13 -2.69
CA GLY A 89 11.01 -29.75 -3.97
C GLY A 89 9.86 -30.17 -4.87
N ALA A 90 10.23 -30.69 -6.04
CA ALA A 90 9.27 -31.16 -7.04
C ALA A 90 8.42 -29.98 -7.53
N ASP A 91 9.08 -28.83 -7.67
CA ASP A 91 8.38 -27.63 -8.13
C ASP A 91 8.20 -27.68 -9.64
N ILE A 92 7.30 -28.55 -10.09
CA ILE A 92 7.02 -28.73 -11.51
C ILE A 92 5.53 -29.03 -11.75
N ALA A 93 5.02 -28.59 -12.89
CA ALA A 93 3.61 -28.81 -13.25
C ALA A 93 3.32 -28.75 -14.76
N LEU A 94 2.18 -29.33 -15.14
CA LEU A 94 1.77 -29.37 -16.53
C LEU A 94 0.39 -28.79 -16.75
N LEU A 95 0.23 -28.07 -17.86
CA LEU A 95 -1.04 -27.47 -18.24
C LEU A 95 -1.45 -28.00 -19.61
N GLU A 96 -2.62 -28.62 -19.69
CA GLU A 96 -3.06 -29.09 -20.98
C GLU A 96 -4.06 -28.09 -21.55
N LEU A 97 -3.83 -27.69 -22.80
CA LEU A 97 -4.71 -26.72 -23.41
C LEU A 97 -5.97 -27.43 -23.91
N GLU A 98 -7.05 -26.68 -24.07
CA GLU A 98 -8.30 -27.26 -24.56
C GLU A 98 -8.17 -27.54 -26.05
N GLU A 99 -7.24 -26.86 -26.71
CA GLU A 99 -7.03 -27.01 -28.14
C GLU A 99 -5.54 -26.98 -28.46
N PRO A 100 -5.10 -27.77 -29.45
CA PRO A 100 -3.67 -27.77 -29.81
C PRO A 100 -3.28 -26.47 -30.51
N VAL A 101 -2.02 -26.07 -30.37
CA VAL A 101 -1.53 -24.85 -30.98
C VAL A 101 -0.85 -25.12 -32.32
N LYS A 102 -1.06 -24.23 -33.30
CA LYS A 102 -0.42 -24.35 -34.61
C LYS A 102 0.97 -23.72 -34.47
N VAL A 103 2.02 -24.51 -34.69
CA VAL A 103 3.37 -23.97 -34.53
C VAL A 103 3.96 -23.34 -35.77
N SER A 104 4.85 -22.38 -35.54
CA SER A 104 5.53 -21.67 -36.60
C SER A 104 6.87 -21.24 -36.04
N SER A 105 7.65 -20.52 -36.83
CA SER A 105 8.97 -20.07 -36.40
C SER A 105 8.90 -19.00 -35.31
N HIS A 106 7.71 -18.48 -35.04
CA HIS A 106 7.56 -17.46 -34.00
C HIS A 106 6.99 -18.14 -32.75
N VAL A 107 6.33 -19.27 -32.94
CA VAL A 107 5.73 -19.98 -31.82
C VAL A 107 5.84 -21.49 -31.94
N HIS A 108 6.92 -22.06 -31.42
CA HIS A 108 7.06 -23.51 -31.45
C HIS A 108 7.52 -24.05 -30.10
N THR A 109 7.50 -25.37 -29.94
CA THR A 109 7.89 -25.97 -28.67
C THR A 109 9.39 -25.93 -28.39
N VAL A 110 9.73 -26.20 -27.13
CA VAL A 110 11.12 -26.26 -26.70
C VAL A 110 11.50 -27.72 -26.53
N THR A 111 12.77 -28.02 -26.80
CA THR A 111 13.26 -29.39 -26.69
C THR A 111 13.64 -29.73 -25.25
N LEU A 112 13.13 -30.85 -24.76
CA LEU A 112 13.46 -31.29 -23.41
C LEU A 112 14.76 -32.09 -23.53
N PRO A 113 15.61 -32.05 -22.51
CA PRO A 113 16.89 -32.76 -22.50
C PRO A 113 16.82 -34.26 -22.25
N PRO A 114 17.84 -35.00 -22.71
CA PRO A 114 17.89 -36.45 -22.52
C PRO A 114 18.14 -36.71 -21.04
N ALA A 115 17.57 -37.77 -20.52
CA ALA A 115 17.71 -38.09 -19.10
C ALA A 115 19.13 -38.00 -18.54
N SER A 116 20.13 -38.11 -19.39
CA SER A 116 21.51 -38.08 -18.94
C SER A 116 22.24 -36.73 -19.02
N GLU A 117 21.57 -35.71 -19.53
CA GLU A 117 22.18 -34.39 -19.66
C GLU A 117 22.46 -33.77 -18.29
N THR A 118 23.60 -33.11 -18.16
CA THR A 118 23.99 -32.56 -16.87
C THR A 118 24.08 -31.03 -16.76
N PHE A 119 24.57 -30.36 -17.80
CA PHE A 119 24.68 -28.89 -17.77
C PHE A 119 25.69 -28.50 -16.71
N PRO A 120 26.97 -28.86 -16.92
CA PRO A 120 27.98 -28.51 -15.92
C PRO A 120 28.33 -27.03 -16.05
N PRO A 121 28.99 -26.46 -15.02
CA PRO A 121 29.35 -25.05 -15.09
C PRO A 121 30.04 -24.76 -16.42
N GLY A 122 30.09 -23.49 -16.80
CA GLY A 122 30.73 -23.13 -18.05
C GLY A 122 29.87 -23.42 -19.25
N MET A 123 28.58 -23.64 -19.02
CA MET A 123 27.67 -23.91 -20.11
C MET A 123 26.90 -22.62 -20.44
N PRO A 124 26.50 -22.44 -21.70
CA PRO A 124 25.76 -21.24 -22.12
C PRO A 124 24.26 -21.41 -21.84
N CYS A 125 23.77 -20.76 -20.79
CA CYS A 125 22.36 -20.86 -20.46
C CYS A 125 21.69 -19.51 -20.32
N TRP A 126 20.42 -19.43 -20.69
CA TRP A 126 19.65 -18.20 -20.60
C TRP A 126 18.32 -18.45 -19.88
N VAL A 127 17.83 -17.42 -19.21
CA VAL A 127 16.55 -17.49 -18.51
C VAL A 127 15.76 -16.26 -18.98
N THR A 128 14.48 -16.48 -19.29
CA THR A 128 13.62 -15.41 -19.80
C THR A 128 12.31 -15.22 -19.04
N GLY A 129 11.72 -14.05 -19.20
CA GLY A 129 10.47 -13.79 -18.51
C GLY A 129 10.10 -12.32 -18.36
N TRP A 130 8.92 -12.09 -17.79
CA TRP A 130 8.35 -10.78 -17.57
C TRP A 130 8.38 -10.37 -16.11
N GLY A 131 9.22 -11.05 -15.32
CA GLY A 131 9.32 -10.74 -13.89
C GLY A 131 10.03 -9.43 -13.55
N ASP A 132 10.13 -9.16 -12.24
CA ASP A 132 10.76 -7.96 -11.70
C ASP A 132 12.19 -7.77 -12.19
N VAL A 133 12.61 -6.51 -12.38
CA VAL A 133 13.97 -6.20 -12.83
C VAL A 133 14.90 -6.07 -11.62
N ASP A 134 14.33 -6.30 -10.43
CA ASP A 134 15.06 -6.25 -9.17
C ASP A 134 14.08 -6.55 -8.04
N ASN A 135 14.60 -6.68 -6.82
CA ASN A 135 13.78 -6.95 -5.64
C ASN A 135 12.76 -5.81 -5.47
N ASP A 136 11.47 -6.16 -5.49
CA ASP A 136 10.40 -5.19 -5.34
C ASP A 136 10.53 -4.07 -6.36
N GLU A 137 10.61 -4.44 -7.62
CA GLU A 137 10.77 -3.49 -8.73
C GLU A 137 10.20 -4.14 -10.00
N ARG A 138 8.92 -3.91 -10.26
CA ARG A 138 8.26 -4.52 -11.41
C ARG A 138 8.80 -4.09 -12.76
N LEU A 139 8.58 -4.94 -13.76
CA LEU A 139 9.01 -4.61 -15.10
C LEU A 139 8.06 -3.50 -15.51
N PRO A 140 8.60 -2.31 -15.81
CA PRO A 140 7.73 -1.21 -16.22
C PRO A 140 7.09 -1.43 -17.58
N PRO A 141 5.94 -0.78 -17.83
CA PRO A 141 5.32 -0.95 -19.14
C PRO A 141 6.25 -0.33 -20.19
N PRO A 142 6.10 -0.72 -21.47
CA PRO A 142 5.18 -1.65 -22.11
C PRO A 142 5.34 -3.14 -21.78
N PHE A 143 6.15 -3.45 -20.78
CA PHE A 143 6.37 -4.84 -20.34
C PHE A 143 7.03 -5.72 -21.40
N PRO A 144 8.31 -5.48 -21.72
CA PRO A 144 8.95 -6.32 -22.73
C PRO A 144 9.48 -7.65 -22.16
N LEU A 145 9.53 -8.66 -23.02
CA LEU A 145 10.08 -9.95 -22.62
C LEU A 145 11.57 -9.72 -22.42
N LYS A 146 12.12 -10.18 -21.30
CA LYS A 146 13.55 -9.99 -21.10
C LYS A 146 14.29 -11.32 -21.07
N GLN A 147 15.61 -11.24 -21.24
CA GLN A 147 16.47 -12.42 -21.26
C GLN A 147 17.75 -12.06 -20.54
N VAL A 148 18.43 -13.07 -20.01
CA VAL A 148 19.71 -12.82 -19.36
C VAL A 148 20.52 -14.11 -19.32
N LYS A 149 21.81 -14.00 -19.61
CA LYS A 149 22.69 -15.17 -19.58
C LYS A 149 23.13 -15.37 -18.13
N VAL A 150 22.86 -16.56 -17.59
CA VAL A 150 23.22 -16.83 -16.20
C VAL A 150 24.26 -17.92 -16.03
N PRO A 151 25.27 -17.65 -15.20
CA PRO A 151 26.32 -18.64 -14.97
C PRO A 151 25.79 -19.81 -14.14
N ILE A 152 25.98 -21.03 -14.63
CA ILE A 152 25.54 -22.22 -13.90
C ILE A 152 26.67 -22.70 -13.00
N MET A 153 26.29 -23.12 -11.80
CA MET A 153 27.26 -23.60 -10.82
C MET A 153 26.77 -24.94 -10.30
N GLU A 154 27.70 -25.77 -9.82
CA GLU A 154 27.33 -27.08 -9.29
C GLU A 154 26.49 -26.98 -8.04
N ASN A 155 25.55 -27.90 -7.89
CA ASN A 155 24.68 -27.90 -6.74
C ASN A 155 25.39 -27.76 -5.38
N HIS A 156 26.44 -28.53 -5.13
CA HIS A 156 27.11 -28.44 -3.83
C HIS A 156 27.73 -27.08 -3.56
N ILE A 157 28.04 -26.35 -4.62
CA ILE A 157 28.64 -25.03 -4.49
C ILE A 157 27.57 -24.03 -4.04
N CYS A 158 26.36 -24.19 -4.57
CA CYS A 158 25.26 -23.32 -4.20
C CYS A 158 24.76 -23.72 -2.82
N ASP A 159 24.77 -25.01 -2.51
CA ASP A 159 24.29 -25.43 -1.22
C ASP A 159 25.14 -24.83 -0.12
N ALA A 160 26.45 -24.75 -0.36
CA ALA A 160 27.36 -24.19 0.63
C ALA A 160 27.19 -22.68 0.77
N LYS A 161 26.86 -22.00 -0.32
CA LYS A 161 26.64 -20.55 -0.26
C LYS A 161 25.37 -20.23 0.52
N TYR A 162 24.29 -20.97 0.26
CA TYR A 162 23.06 -20.71 0.99
C TYR A 162 23.24 -20.92 2.48
N HIS A 163 24.30 -21.65 2.85
CA HIS A 163 24.58 -21.88 4.27
C HIS A 163 25.38 -20.74 4.90
N LEU A 164 26.01 -19.90 4.09
CA LEU A 164 26.79 -18.80 4.64
C LEU A 164 25.82 -17.75 5.19
N GLY A 165 26.12 -17.24 6.38
CA GLY A 165 25.26 -16.25 7.01
C GLY A 165 23.95 -16.87 7.46
N ALA A 166 23.97 -18.17 7.74
CA ALA A 166 22.76 -18.87 8.18
C ALA A 166 22.99 -19.83 9.34
N TYR A 167 21.95 -19.95 10.17
CA TYR A 167 21.97 -20.81 11.34
C TYR A 167 21.79 -22.29 11.01
N THR A 168 21.28 -22.57 9.80
CA THR A 168 21.06 -23.94 9.37
C THR A 168 22.37 -24.74 9.36
N GLY A 169 22.33 -25.94 9.92
CA GLY A 169 23.52 -26.78 9.96
C GLY A 169 24.05 -27.15 8.58
N ASP A 170 25.38 -27.15 8.46
CA ASP A 170 26.04 -27.46 7.20
C ASP A 170 25.59 -28.75 6.50
N ASP A 171 25.39 -29.82 7.25
CA ASP A 171 24.99 -31.10 6.64
C ASP A 171 23.50 -31.19 6.36
N VAL A 172 22.79 -30.07 6.49
CA VAL A 172 21.36 -30.02 6.21
C VAL A 172 21.19 -29.38 4.83
N ARG A 173 21.01 -30.22 3.82
CA ARG A 173 20.86 -29.77 2.43
C ARG A 173 19.78 -28.70 2.21
N ILE A 174 20.13 -27.67 1.46
CA ILE A 174 19.20 -26.60 1.13
C ILE A 174 18.88 -26.71 -0.36
N VAL A 175 19.91 -26.70 -1.20
CA VAL A 175 19.70 -26.85 -2.64
C VAL A 175 19.70 -28.35 -2.83
N ARG A 176 18.53 -28.91 -3.13
CA ARG A 176 18.37 -30.35 -3.29
C ARG A 176 18.68 -30.94 -4.66
N ASP A 177 18.82 -32.26 -4.71
CA ASP A 177 19.20 -32.95 -5.95
C ASP A 177 18.29 -32.77 -7.17
N ASP A 178 17.00 -32.58 -6.93
CA ASP A 178 16.04 -32.38 -8.01
C ASP A 178 16.00 -30.88 -8.31
N MET A 179 17.10 -30.18 -8.02
CA MET A 179 17.21 -28.74 -8.24
C MET A 179 18.50 -28.39 -8.99
N LEU A 180 18.53 -27.20 -9.58
CA LEU A 180 19.68 -26.73 -10.34
C LEU A 180 19.83 -25.24 -10.04
N CYS A 181 21.07 -24.75 -9.97
CA CYS A 181 21.26 -23.33 -9.67
C CYS A 181 22.06 -22.53 -10.70
N ALA A 182 21.66 -21.27 -10.88
CA ALA A 182 22.30 -20.37 -11.83
C ALA A 182 22.14 -18.91 -11.42
N GLY A 183 22.99 -18.05 -11.96
CA GLY A 183 22.91 -16.63 -11.65
C GLY A 183 23.87 -16.13 -10.60
N ASN A 184 24.11 -14.82 -10.61
CA ASN A 184 24.98 -14.17 -9.64
C ASN A 184 24.33 -12.85 -9.21
N THR A 185 25.10 -11.98 -8.56
CA THR A 185 24.60 -10.71 -8.07
C THR A 185 24.25 -9.67 -9.15
N ARG A 186 24.47 -10.00 -10.41
CA ARG A 186 24.17 -9.09 -11.49
C ARG A 186 23.20 -9.72 -12.49
N ARG A 187 23.11 -11.04 -12.48
CA ARG A 187 22.23 -11.72 -13.42
C ARG A 187 21.39 -12.75 -12.69
N ASP A 188 20.07 -12.62 -12.76
CA ASP A 188 19.20 -13.58 -12.09
C ASP A 188 17.77 -13.37 -12.59
N SER A 189 16.85 -14.23 -12.14
CA SER A 189 15.46 -14.09 -12.49
C SER A 189 14.83 -13.63 -11.18
N CYS A 190 13.68 -12.99 -11.24
CA CYS A 190 13.04 -12.50 -10.03
C CYS A 190 11.54 -12.82 -10.03
N GLN A 191 10.82 -12.32 -9.02
CA GLN A 191 9.39 -12.56 -8.90
C GLN A 191 8.68 -12.24 -10.20
N GLY A 192 7.84 -13.18 -10.64
CA GLY A 192 7.12 -13.01 -11.89
C GLY A 192 7.67 -13.94 -12.96
N ASP A 193 8.93 -14.34 -12.83
CA ASP A 193 9.57 -15.23 -13.79
C ASP A 193 9.28 -16.69 -13.48
N SER A 194 8.83 -16.94 -12.25
CA SER A 194 8.51 -18.29 -11.80
C SER A 194 7.78 -19.14 -12.82
N GLY A 195 8.30 -20.34 -13.06
CA GLY A 195 7.67 -21.26 -13.98
C GLY A 195 8.17 -21.18 -15.40
N GLY A 196 8.92 -20.12 -15.71
CA GLY A 196 9.46 -19.94 -17.04
C GLY A 196 10.62 -20.87 -17.33
N PRO A 197 11.18 -20.83 -18.55
CA PRO A 197 12.30 -21.71 -18.86
C PRO A 197 13.71 -21.18 -18.59
N LEU A 198 14.63 -22.12 -18.48
CA LEU A 198 16.05 -21.84 -18.30
C LEU A 198 16.60 -22.76 -19.40
N VAL A 199 17.01 -22.16 -20.50
CA VAL A 199 17.52 -22.92 -21.64
C VAL A 199 19.03 -22.84 -21.83
N CYS A 200 19.62 -23.93 -22.29
CA CYS A 200 21.05 -23.98 -22.55
C CYS A 200 21.22 -24.60 -23.92
N LYS A 201 22.08 -24.00 -24.75
CA LYS A 201 22.36 -24.53 -26.07
C LYS A 201 23.39 -25.64 -25.92
N VAL A 202 23.02 -26.84 -26.36
CA VAL A 202 23.90 -28.01 -26.27
C VAL A 202 24.04 -28.68 -27.62
N ASN A 203 25.22 -28.58 -28.21
CA ASN A 203 25.48 -29.16 -29.52
C ASN A 203 24.45 -28.68 -30.56
N GLY A 204 24.32 -27.37 -30.69
CA GLY A 204 23.41 -26.81 -31.68
C GLY A 204 21.93 -26.83 -31.38
N THR A 205 21.53 -27.46 -30.28
CA THR A 205 20.12 -27.51 -29.92
C THR A 205 19.85 -26.84 -28.58
N TRP A 206 18.65 -26.30 -28.41
CA TRP A 206 18.31 -25.67 -27.15
C TRP A 206 17.56 -26.69 -26.31
N LEU A 207 17.96 -26.84 -25.05
CA LEU A 207 17.33 -27.80 -24.15
C LEU A 207 16.85 -27.08 -22.89
N GLN A 208 15.66 -27.42 -22.40
CA GLN A 208 15.22 -26.76 -21.18
C GLN A 208 15.86 -27.47 -19.97
N ALA A 209 16.86 -26.83 -19.38
CA ALA A 209 17.56 -27.37 -18.23
C ALA A 209 16.67 -27.34 -17.00
N GLY A 210 16.01 -26.20 -16.78
CA GLY A 210 15.16 -26.12 -15.61
C GLY A 210 13.99 -25.14 -15.67
N VAL A 211 13.24 -25.12 -14.57
CA VAL A 211 12.11 -24.24 -14.44
C VAL A 211 12.34 -23.29 -13.28
N VAL A 212 12.16 -22.00 -13.54
CA VAL A 212 12.37 -20.97 -12.53
C VAL A 212 11.54 -21.34 -11.32
N SER A 213 12.19 -21.51 -10.18
CA SER A 213 11.49 -21.89 -8.97
C SER A 213 11.54 -20.88 -7.85
N TRP A 214 12.66 -20.86 -7.11
CA TRP A 214 12.80 -19.96 -5.97
C TRP A 214 14.22 -19.51 -5.73
N GLY A 215 14.37 -18.73 -4.67
CA GLY A 215 15.66 -18.21 -4.26
C GLY A 215 15.38 -17.23 -3.15
N GLU A 216 16.39 -16.88 -2.37
CA GLU A 216 16.21 -15.92 -1.29
C GLU A 216 16.46 -14.58 -1.94
N GLY A 217 15.38 -13.87 -2.25
CA GLY A 217 15.53 -12.60 -2.92
C GLY A 217 15.97 -12.80 -4.36
N CYS A 218 16.62 -11.79 -4.94
CA CYS A 218 17.07 -11.88 -6.33
C CYS A 218 18.46 -11.27 -6.48
N ALA A 219 19.39 -12.04 -7.05
CA ALA A 219 20.72 -11.55 -7.27
C ALA A 219 21.39 -11.09 -5.97
N GLN A 220 20.95 -11.65 -4.85
CA GLN A 220 21.51 -11.33 -3.53
C GLN A 220 22.80 -12.10 -3.29
N PRO A 221 23.78 -11.51 -2.59
CA PRO A 221 25.06 -12.17 -2.31
C PRO A 221 24.89 -13.53 -1.63
N ASN A 222 25.59 -14.53 -2.18
CA ASN A 222 25.55 -15.90 -1.67
C ASN A 222 24.16 -16.54 -1.72
N ARG A 223 23.33 -16.06 -2.64
CA ARG A 223 21.98 -16.59 -2.76
C ARG A 223 21.60 -16.70 -4.24
N PRO A 224 22.27 -17.58 -4.98
CA PRO A 224 22.02 -17.80 -6.41
C PRO A 224 20.63 -18.39 -6.70
N GLY A 225 20.12 -18.13 -7.90
CA GLY A 225 18.81 -18.61 -8.27
C GLY A 225 18.72 -20.12 -8.26
N ILE A 226 17.56 -20.65 -7.91
CA ILE A 226 17.36 -22.10 -7.86
C ILE A 226 16.25 -22.54 -8.81
N TYR A 227 16.55 -23.53 -9.64
CA TYR A 227 15.60 -24.04 -10.62
C TYR A 227 15.30 -25.51 -10.46
N THR A 228 14.06 -25.91 -10.76
CA THR A 228 13.69 -27.31 -10.69
C THR A 228 14.48 -27.98 -11.82
N ARG A 229 15.21 -29.05 -11.51
CA ARG A 229 16.00 -29.77 -12.52
C ARG A 229 15.05 -30.61 -13.39
N VAL A 230 14.88 -30.22 -14.65
CA VAL A 230 13.99 -30.95 -15.54
C VAL A 230 14.40 -32.41 -15.78
N THR A 231 15.68 -32.67 -15.98
CA THR A 231 16.09 -34.06 -16.22
C THR A 231 15.59 -35.01 -15.14
N TYR A 232 15.40 -34.50 -13.93
CA TYR A 232 14.95 -35.31 -12.81
C TYR A 232 13.50 -35.77 -12.93
N TYR A 233 12.70 -35.04 -13.70
CA TYR A 233 11.29 -35.36 -13.82
C TYR A 233 10.76 -35.83 -15.19
N LEU A 234 11.66 -36.15 -16.12
CA LEU A 234 11.25 -36.63 -17.44
C LEU A 234 10.20 -37.74 -17.39
N ASP A 235 10.43 -38.76 -16.56
CA ASP A 235 9.48 -39.88 -16.44
C ASP A 235 8.07 -39.41 -16.11
N TRP A 236 7.97 -38.44 -15.20
CA TRP A 236 6.68 -37.93 -14.81
C TRP A 236 6.02 -37.21 -15.98
N ILE A 237 6.76 -36.27 -16.55
CA ILE A 237 6.31 -35.49 -17.69
C ILE A 237 5.77 -36.39 -18.80
N HIS A 238 6.47 -37.49 -19.05
CA HIS A 238 6.10 -38.43 -20.09
C HIS A 238 4.93 -39.34 -19.80
N HIS A 239 4.36 -39.25 -18.61
CA HIS A 239 3.19 -40.06 -18.32
C HIS A 239 1.99 -39.27 -18.82
N TYR A 240 2.27 -38.07 -19.34
CA TYR A 240 1.22 -37.17 -19.85
C TYR A 240 1.50 -36.62 -21.24
N VAL A 241 2.72 -36.13 -21.43
CA VAL A 241 3.09 -35.56 -22.71
C VAL A 241 3.74 -36.62 -23.58
N PRO A 242 3.06 -36.98 -24.68
CA PRO A 242 3.60 -38.01 -25.59
C PRO A 242 4.99 -37.65 -26.12
N LYS A 243 5.84 -38.68 -26.23
CA LYS A 243 7.22 -38.58 -26.71
C LYS A 243 7.36 -37.94 -28.10
N ILE B 1 -11.46 7.72 -17.17
CA ILE B 1 -12.78 7.78 -17.86
C ILE B 1 -13.75 6.73 -17.29
N VAL B 2 -14.90 7.21 -16.80
CA VAL B 2 -15.92 6.33 -16.25
C VAL B 2 -16.99 6.19 -17.31
N GLY B 3 -17.56 5.01 -17.46
CA GLY B 3 -18.56 4.82 -18.51
C GLY B 3 -17.81 4.87 -19.83
N GLY B 4 -18.51 5.15 -20.93
CA GLY B 4 -17.82 5.22 -22.20
C GLY B 4 -16.96 4.00 -22.53
N GLN B 5 -16.12 4.12 -23.55
CA GLN B 5 -15.29 2.98 -23.96
C GLN B 5 -14.08 3.36 -24.78
N GLU B 6 -13.30 2.35 -25.14
CA GLU B 6 -12.10 2.51 -25.94
C GLU B 6 -12.44 3.29 -27.21
N ALA B 7 -11.59 4.25 -27.56
CA ALA B 7 -11.82 5.08 -28.73
C ALA B 7 -11.25 4.51 -30.02
N PRO B 8 -11.99 4.65 -31.13
CA PRO B 8 -11.55 4.17 -32.45
C PRO B 8 -10.27 4.94 -32.75
N ARG B 9 -9.30 4.32 -33.41
CA ARG B 9 -8.05 5.03 -33.66
C ARG B 9 -8.08 6.27 -34.53
N SER B 10 -9.20 6.54 -35.19
CA SER B 10 -9.31 7.70 -36.07
C SER B 10 -9.90 8.90 -35.34
N LYS B 11 -10.32 8.69 -34.10
CA LYS B 11 -10.92 9.75 -33.29
C LYS B 11 -9.94 10.40 -32.32
N TRP B 12 -10.19 11.67 -32.01
CA TRP B 12 -9.38 12.44 -31.07
C TRP B 12 -7.89 12.60 -31.41
N PRO B 13 -7.56 12.94 -32.66
CA PRO B 13 -6.17 13.11 -33.09
C PRO B 13 -5.30 14.11 -32.32
N TRP B 14 -5.92 14.93 -31.48
CA TRP B 14 -5.21 15.96 -30.70
C TRP B 14 -4.93 15.63 -29.23
N GLN B 15 -5.47 14.53 -28.74
CA GLN B 15 -5.26 14.10 -27.35
C GLN B 15 -3.77 13.83 -27.13
N VAL B 16 -3.26 14.14 -25.93
CA VAL B 16 -1.85 13.87 -25.64
C VAL B 16 -1.66 13.38 -24.20
N SER B 17 -0.50 12.79 -23.93
CA SER B 17 -0.17 12.28 -22.60
C SER B 17 1.04 12.99 -22.01
N LEU B 18 0.93 13.45 -20.76
CA LEU B 18 2.06 14.12 -20.11
C LEU B 18 2.82 13.08 -19.29
N ARG B 19 4.13 13.01 -19.51
CA ARG B 19 4.99 12.03 -18.83
C ARG B 19 6.00 12.69 -17.92
N VAL B 20 6.14 12.14 -16.73
CA VAL B 20 7.10 12.63 -15.75
C VAL B 20 8.16 11.55 -15.57
N HIS B 21 9.41 11.97 -15.42
CA HIS B 21 10.54 11.05 -15.29
C HIS B 21 10.58 10.24 -13.99
N GLY B 22 10.80 8.94 -14.12
CA GLY B 22 10.89 8.06 -12.98
C GLY B 22 11.47 6.73 -13.44
N PRO B 23 11.05 5.60 -12.85
CA PRO B 23 11.59 4.32 -13.29
C PRO B 23 11.29 4.16 -14.78
N TYR B 24 10.27 4.88 -15.24
CA TYR B 24 9.84 4.92 -16.64
C TYR B 24 9.00 6.17 -16.82
N TRP B 25 8.95 6.71 -18.03
CA TRP B 25 8.16 7.93 -18.28
C TRP B 25 6.68 7.67 -18.07
N MET B 26 6.22 8.01 -16.87
CA MET B 26 4.85 7.76 -16.48
C MET B 26 3.84 8.87 -16.78
N HIS B 27 2.67 8.44 -17.24
CA HIS B 27 1.55 9.32 -17.54
C HIS B 27 0.96 9.89 -16.25
N PHE B 28 0.86 11.22 -16.15
CA PHE B 28 0.27 11.82 -14.95
C PHE B 28 -0.89 12.75 -15.31
N CYS B 29 -1.00 13.11 -16.59
CA CYS B 29 -2.06 14.00 -17.04
C CYS B 29 -2.30 13.98 -18.54
N GLY B 30 -3.52 14.38 -18.91
CA GLY B 30 -3.88 14.47 -20.30
C GLY B 30 -3.57 15.87 -20.80
N GLY B 31 -3.86 16.11 -22.07
CA GLY B 31 -3.64 17.42 -22.67
C GLY B 31 -4.22 17.44 -24.06
N SER B 32 -3.99 18.53 -24.81
CA SER B 32 -4.49 18.62 -26.17
C SER B 32 -3.56 19.49 -26.99
N LEU B 33 -3.39 19.12 -28.25
CA LEU B 33 -2.55 19.88 -29.17
C LEU B 33 -3.45 20.92 -29.81
N ILE B 34 -3.27 22.19 -29.44
CA ILE B 34 -4.10 23.26 -29.98
C ILE B 34 -3.34 24.05 -31.04
N HIS B 35 -2.06 23.77 -31.16
CA HIS B 35 -1.21 24.42 -32.13
C HIS B 35 0.01 23.52 -32.34
N PRO B 36 0.48 23.39 -33.58
CA PRO B 36 1.64 22.55 -33.88
C PRO B 36 2.71 22.52 -32.81
N GLN B 37 2.90 23.63 -32.11
CA GLN B 37 3.95 23.70 -31.08
C GLN B 37 3.46 23.97 -29.65
N TRP B 38 2.15 23.86 -29.44
CA TRP B 38 1.60 24.12 -28.12
C TRP B 38 0.57 23.11 -27.62
N VAL B 39 0.69 22.78 -26.35
CA VAL B 39 -0.23 21.87 -25.68
C VAL B 39 -0.96 22.58 -24.56
N LEU B 40 -2.28 22.46 -24.56
CA LEU B 40 -3.14 23.06 -23.53
C LEU B 40 -3.37 21.99 -22.46
N THR B 41 -3.24 22.36 -21.19
CA THR B 41 -3.42 21.40 -20.11
C THR B 41 -3.95 22.11 -18.85
N ALA B 42 -4.07 21.37 -17.76
CA ALA B 42 -4.54 21.92 -16.48
C ALA B 42 -3.36 22.37 -15.63
N ALA B 43 -3.43 23.58 -15.08
CA ALA B 43 -2.35 24.10 -14.26
C ALA B 43 -1.93 23.19 -13.09
N HIS B 44 -2.90 22.60 -12.37
CA HIS B 44 -2.55 21.73 -11.24
C HIS B 44 -1.75 20.51 -11.66
N CYS B 45 -1.80 20.18 -12.95
CA CYS B 45 -1.04 19.05 -13.44
C CYS B 45 0.44 19.34 -13.37
N VAL B 46 0.79 20.63 -13.40
CA VAL B 46 2.18 21.06 -13.36
C VAL B 46 2.44 22.23 -12.41
N GLY B 47 1.54 22.49 -11.48
CA GLY B 47 1.72 23.60 -10.56
C GLY B 47 1.02 23.38 -9.23
N PRO B 48 1.01 24.38 -8.35
CA PRO B 48 1.62 25.72 -8.47
C PRO B 48 3.14 25.86 -8.41
N ASP B 49 3.82 24.95 -7.74
CA ASP B 49 5.27 25.06 -7.63
C ASP B 49 5.98 24.86 -8.93
N VAL B 50 7.15 25.48 -9.05
CA VAL B 50 7.95 25.39 -10.26
C VAL B 50 8.43 23.96 -10.51
N LYS B 51 8.53 23.61 -11.79
CA LYS B 51 8.96 22.27 -12.20
C LYS B 51 10.26 22.29 -12.98
N ASP B 52 10.85 21.11 -13.15
CA ASP B 52 12.08 20.99 -13.89
C ASP B 52 11.69 20.44 -15.26
N LEU B 53 11.87 21.23 -16.31
CA LEU B 53 11.50 20.78 -17.66
C LEU B 53 12.21 19.49 -18.08
N ALA B 54 13.45 19.32 -17.65
CA ALA B 54 14.25 18.14 -17.99
C ALA B 54 13.51 16.83 -17.69
N ALA B 55 12.61 16.87 -16.71
CA ALA B 55 11.86 15.69 -16.30
C ALA B 55 10.46 15.58 -16.87
N LEU B 56 10.12 16.39 -17.87
CA LEU B 56 8.78 16.33 -18.45
C LEU B 56 8.81 16.02 -19.95
N ARG B 57 7.83 15.26 -20.41
CA ARG B 57 7.76 14.91 -21.83
C ARG B 57 6.30 14.83 -22.30
N VAL B 58 6.11 15.04 -23.59
CA VAL B 58 4.78 14.97 -24.18
C VAL B 58 4.72 13.85 -25.21
N GLN B 59 3.64 13.07 -25.14
CA GLN B 59 3.40 11.95 -26.04
C GLN B 59 2.14 12.26 -26.81
N LEU B 60 2.23 12.26 -28.13
CA LEU B 60 1.05 12.56 -28.96
C LEU B 60 0.11 11.35 -29.06
N ARG B 61 -1.00 11.56 -29.76
CA ARG B 61 -2.02 10.53 -29.95
C ARG B 61 -1.46 9.12 -30.04
N GLU B 62 -1.77 8.34 -29.01
CA GLU B 62 -1.32 6.95 -28.88
C GLU B 62 -2.57 6.11 -28.57
N GLN B 63 -2.81 5.03 -29.31
CA GLN B 63 -4.01 4.20 -29.05
C GLN B 63 -3.91 3.52 -27.68
N HIS B 64 -2.78 2.88 -27.41
CA HIS B 64 -2.54 2.24 -26.11
C HIS B 64 -1.30 2.90 -25.49
N LEU B 65 -1.43 3.44 -24.27
CA LEU B 65 -0.31 4.09 -23.62
C LEU B 65 0.93 3.22 -23.48
N TYR B 66 2.09 3.85 -23.56
CA TYR B 66 3.40 3.19 -23.42
C TYR B 66 3.87 2.27 -24.55
N TYR B 67 2.96 1.81 -25.40
CA TYR B 67 3.38 0.89 -26.44
C TYR B 67 4.24 1.45 -27.56
N GLN B 68 3.85 2.57 -28.15
CA GLN B 68 4.67 3.14 -29.23
C GLN B 68 5.16 4.52 -28.84
N ASP B 69 5.75 4.60 -27.66
CA ASP B 69 6.25 5.86 -27.13
C ASP B 69 7.26 6.57 -28.03
N GLN B 70 7.02 7.88 -28.21
CA GLN B 70 7.89 8.76 -28.98
C GLN B 70 7.84 10.07 -28.23
N LEU B 71 8.52 10.11 -27.09
CA LEU B 71 8.54 11.27 -26.22
C LEU B 71 9.14 12.52 -26.85
N LEU B 72 8.46 13.65 -26.66
CA LEU B 72 8.89 14.94 -27.20
C LEU B 72 9.21 15.87 -26.04
N PRO B 73 10.39 16.49 -26.04
CA PRO B 73 10.77 17.40 -24.96
C PRO B 73 9.94 18.68 -24.96
N VAL B 74 9.90 19.36 -23.82
CA VAL B 74 9.16 20.60 -23.66
C VAL B 74 10.16 21.73 -23.41
N SER B 75 9.91 22.89 -24.01
CA SER B 75 10.81 24.03 -23.84
C SER B 75 10.30 25.04 -22.81
N ARG B 76 8.99 25.12 -22.64
CA ARG B 76 8.39 26.05 -21.68
C ARG B 76 7.14 25.52 -21.02
N ILE B 77 6.98 25.89 -19.75
CA ILE B 77 5.79 25.55 -18.99
C ILE B 77 5.24 26.90 -18.58
N ILE B 78 4.11 27.29 -19.14
CA ILE B 78 3.48 28.57 -18.80
C ILE B 78 2.20 28.30 -17.99
N VAL B 79 2.29 28.50 -16.67
CA VAL B 79 1.14 28.29 -15.80
C VAL B 79 0.45 29.64 -15.57
N HIS B 80 -0.87 29.65 -15.72
CA HIS B 80 -1.59 30.90 -15.51
C HIS B 80 -1.27 31.42 -14.11
N PRO B 81 -0.86 32.69 -14.00
CA PRO B 81 -0.50 33.35 -12.73
C PRO B 81 -1.58 33.50 -11.65
N GLN B 82 -2.84 33.34 -12.00
CA GLN B 82 -3.90 33.48 -11.00
C GLN B 82 -4.21 32.13 -10.35
N PHE B 83 -3.52 31.09 -10.82
CA PHE B 83 -3.72 29.74 -10.28
C PHE B 83 -2.96 29.39 -9.01
N TYR B 84 -3.67 28.71 -8.12
CA TYR B 84 -3.07 28.23 -6.88
C TYR B 84 -3.70 26.86 -6.59
N THR B 85 -5.00 26.76 -6.82
CA THR B 85 -5.71 25.50 -6.60
C THR B 85 -6.89 25.38 -7.55
N ALA B 86 -7.24 24.16 -7.91
CA ALA B 86 -8.33 23.88 -8.82
C ALA B 86 -9.67 24.45 -8.37
N GLN B 87 -9.93 24.43 -7.06
CA GLN B 87 -11.19 24.94 -6.54
C GLN B 87 -11.29 26.45 -6.66
N ILE B 88 -10.19 27.14 -6.40
CA ILE B 88 -10.17 28.60 -6.50
C ILE B 88 -10.38 29.02 -7.95
N GLY B 89 -9.69 28.36 -8.89
CA GLY B 89 -9.87 28.70 -10.30
C GLY B 89 -8.63 28.90 -11.15
N ALA B 90 -8.86 29.33 -12.39
CA ALA B 90 -7.78 29.56 -13.35
C ALA B 90 -6.88 28.33 -13.45
N ASP B 91 -7.49 27.16 -13.60
CA ASP B 91 -6.77 25.89 -13.69
C ASP B 91 -6.51 25.58 -15.17
N ILE B 92 -5.50 26.25 -15.71
CA ILE B 92 -5.16 26.10 -17.12
C ILE B 92 -3.68 26.41 -17.32
N ALA B 93 -3.05 25.72 -18.25
CA ALA B 93 -1.63 25.93 -18.51
C ALA B 93 -1.28 25.69 -19.98
N LEU B 94 -0.05 26.05 -20.34
CA LEU B 94 0.44 25.88 -21.70
C LEU B 94 1.80 25.20 -21.69
N LEU B 95 1.97 24.26 -22.61
CA LEU B 95 3.24 23.57 -22.77
C LEU B 95 3.76 23.83 -24.18
N GLU B 96 4.93 24.46 -24.28
CA GLU B 96 5.52 24.73 -25.59
C GLU B 96 6.53 23.63 -25.89
N LEU B 97 6.32 22.92 -26.99
CA LEU B 97 7.23 21.84 -27.36
C LEU B 97 8.44 22.47 -28.03
N GLU B 98 9.56 21.75 -28.02
CA GLU B 98 10.78 22.28 -28.61
C GLU B 98 10.72 22.29 -30.13
N GLU B 99 9.86 21.45 -30.69
CA GLU B 99 9.72 21.38 -32.13
C GLU B 99 8.26 21.26 -32.52
N PRO B 100 7.88 21.91 -33.62
CA PRO B 100 6.48 21.81 -34.04
C PRO B 100 6.28 20.38 -34.50
N VAL B 101 5.06 19.87 -34.47
CA VAL B 101 4.84 18.50 -34.92
C VAL B 101 4.30 18.53 -36.34
N LYS B 102 4.70 17.55 -37.16
CA LYS B 102 4.23 17.48 -38.53
C LYS B 102 2.82 16.92 -38.49
N VAL B 103 1.81 17.79 -38.52
CA VAL B 103 0.43 17.34 -38.46
C VAL B 103 0.12 16.25 -39.49
N SER B 104 -1.09 15.70 -39.41
CA SER B 104 -1.53 14.63 -40.31
C SER B 104 -2.95 14.24 -39.91
N SER B 105 -3.56 13.37 -40.70
CA SER B 105 -4.93 12.94 -40.41
C SER B 105 -4.99 12.31 -39.02
N HIS B 106 -3.95 11.55 -38.69
CA HIS B 106 -3.90 10.86 -37.40
C HIS B 106 -3.57 11.76 -36.20
N VAL B 107 -2.68 12.72 -36.38
CA VAL B 107 -2.34 13.62 -35.29
C VAL B 107 -2.30 15.08 -35.69
N HIS B 108 -3.26 15.86 -35.18
CA HIS B 108 -3.32 17.29 -35.47
C HIS B 108 -4.13 18.08 -34.44
N THR B 109 -3.89 19.39 -34.40
CA THR B 109 -4.54 20.29 -33.48
C THR B 109 -6.06 20.19 -33.40
N VAL B 110 -6.59 20.64 -32.27
CA VAL B 110 -8.02 20.69 -32.04
C VAL B 110 -8.26 22.21 -32.15
N THR B 111 -9.50 22.62 -32.34
CA THR B 111 -9.76 24.05 -32.49
C THR B 111 -10.39 24.74 -31.28
N LEU B 112 -9.88 25.92 -30.95
CA LEU B 112 -10.41 26.69 -29.82
C LEU B 112 -11.69 27.39 -30.24
N PRO B 113 -12.65 27.48 -29.32
CA PRO B 113 -13.88 28.15 -29.71
C PRO B 113 -13.70 29.66 -29.70
N PRO B 114 -14.57 30.38 -30.42
CA PRO B 114 -14.49 31.85 -30.46
C PRO B 114 -15.06 32.38 -29.15
N ALA B 115 -14.55 33.52 -28.69
CA ALA B 115 -14.98 34.13 -27.43
C ALA B 115 -16.50 34.30 -27.28
N SER B 116 -17.22 34.15 -28.38
CA SER B 116 -18.68 34.26 -28.34
C SER B 116 -19.32 32.94 -27.91
N GLU B 117 -18.83 31.85 -28.51
CA GLU B 117 -19.33 30.51 -28.24
C GLU B 117 -19.71 30.31 -26.78
N THR B 118 -20.82 29.59 -26.54
CA THR B 118 -21.29 29.35 -25.18
C THR B 118 -21.61 27.90 -24.79
N PHE B 119 -21.86 27.04 -25.78
CA PHE B 119 -22.18 25.64 -25.50
C PHE B 119 -23.36 25.56 -24.54
N PRO B 120 -24.58 25.46 -25.07
CA PRO B 120 -25.80 25.39 -24.27
C PRO B 120 -25.88 24.16 -23.37
N PRO B 121 -26.61 24.29 -22.26
CA PRO B 121 -26.77 23.16 -21.32
C PRO B 121 -27.51 21.99 -21.96
N GLY B 122 -26.96 20.80 -21.83
CA GLY B 122 -27.59 19.63 -22.41
C GLY B 122 -27.11 19.49 -23.84
N MET B 123 -25.85 19.86 -24.06
CA MET B 123 -25.22 19.79 -25.36
C MET B 123 -24.28 18.59 -25.35
N PRO B 124 -24.34 17.74 -26.38
CA PRO B 124 -23.49 16.54 -26.47
C PRO B 124 -22.00 16.85 -26.65
N CYS B 125 -21.19 16.46 -25.67
CA CYS B 125 -19.76 16.68 -25.74
C CYS B 125 -19.03 15.42 -25.32
N TRP B 126 -17.77 15.29 -25.73
CA TRP B 126 -16.97 14.13 -25.38
C TRP B 126 -15.71 14.50 -24.62
N VAL B 127 -15.38 13.70 -23.63
CA VAL B 127 -14.17 13.91 -22.87
C VAL B 127 -13.36 12.63 -23.10
N THR B 128 -12.05 12.77 -23.21
CA THR B 128 -11.20 11.60 -23.46
C THR B 128 -9.97 11.51 -22.59
N GLY B 129 -9.44 10.31 -22.43
CA GLY B 129 -8.26 10.18 -21.61
C GLY B 129 -7.89 8.79 -21.16
N TRP B 130 -6.82 8.72 -20.38
CA TRP B 130 -6.29 7.46 -19.87
C TRP B 130 -6.45 7.34 -18.37
N GLY B 131 -7.33 8.16 -17.81
CA GLY B 131 -7.52 8.14 -16.37
C GLY B 131 -8.29 6.94 -15.83
N ASP B 132 -8.35 6.87 -14.51
CA ASP B 132 -9.06 5.82 -13.80
C ASP B 132 -10.45 5.56 -14.38
N VAL B 133 -10.84 4.29 -14.47
CA VAL B 133 -12.15 3.96 -15.00
C VAL B 133 -13.18 4.03 -13.89
N ASP B 134 -12.76 4.49 -12.72
CA ASP B 134 -13.64 4.63 -11.57
C ASP B 134 -12.87 5.04 -10.32
N ASN B 135 -13.59 5.51 -9.32
CA ASN B 135 -12.96 5.92 -8.07
C ASN B 135 -11.91 4.91 -7.62
N ASP B 136 -10.67 5.37 -7.53
CA ASP B 136 -9.57 4.51 -7.10
C ASP B 136 -9.60 3.19 -7.87
N GLU B 137 -9.60 3.27 -9.20
CA GLU B 137 -9.65 2.08 -10.03
C GLU B 137 -8.95 2.33 -11.37
N ARG B 138 -7.66 1.99 -11.41
CA ARG B 138 -6.84 2.18 -12.59
C ARG B 138 -7.34 1.59 -13.90
N LEU B 139 -6.92 2.20 -15.00
CA LEU B 139 -7.25 1.71 -16.32
C LEU B 139 -6.23 0.60 -16.45
N PRO B 140 -6.68 -0.62 -16.70
CA PRO B 140 -5.74 -1.74 -16.81
C PRO B 140 -4.99 -1.79 -18.14
N PRO B 141 -3.93 -2.60 -18.21
CA PRO B 141 -3.20 -2.68 -19.47
C PRO B 141 -4.13 -3.47 -20.41
N PRO B 142 -3.96 -3.32 -21.74
CA PRO B 142 -3.00 -2.50 -22.49
C PRO B 142 -3.17 -0.98 -22.48
N PHE B 143 -3.96 -0.44 -21.55
CA PHE B 143 -4.13 1.01 -21.45
C PHE B 143 -4.72 1.72 -22.69
N PRO B 144 -5.92 1.33 -23.13
CA PRO B 144 -6.51 1.98 -24.29
C PRO B 144 -7.02 3.39 -23.99
N LEU B 145 -7.02 4.24 -24.99
CA LEU B 145 -7.53 5.59 -24.82
C LEU B 145 -9.05 5.44 -24.77
N LYS B 146 -9.69 6.06 -23.77
CA LYS B 146 -11.14 5.96 -23.63
C LYS B 146 -11.87 7.26 -23.95
N GLN B 147 -13.17 7.15 -24.20
CA GLN B 147 -14.00 8.30 -24.55
C GLN B 147 -15.39 8.10 -23.97
N VAL B 148 -16.03 9.21 -23.60
CA VAL B 148 -17.38 9.13 -23.09
C VAL B 148 -18.16 10.37 -23.45
N LYS B 149 -19.44 10.17 -23.73
CA LYS B 149 -20.33 11.27 -24.09
C LYS B 149 -20.90 11.82 -22.79
N VAL B 150 -20.61 13.08 -22.51
CA VAL B 150 -21.10 13.73 -21.30
C VAL B 150 -21.84 15.02 -21.68
N PRO B 151 -23.00 15.25 -21.06
CA PRO B 151 -23.81 16.43 -21.32
C PRO B 151 -23.39 17.66 -20.51
N ILE B 152 -23.28 18.81 -21.19
CA ILE B 152 -22.92 20.07 -20.54
C ILE B 152 -24.04 20.36 -19.53
N MET B 153 -23.75 21.15 -18.50
CA MET B 153 -24.75 21.48 -17.51
C MET B 153 -24.58 22.95 -17.14
N GLU B 154 -25.68 23.65 -16.95
CA GLU B 154 -25.63 25.07 -16.60
C GLU B 154 -24.79 25.31 -15.34
N ASN B 155 -23.89 26.29 -15.42
CA ASN B 155 -23.00 26.61 -14.31
C ASN B 155 -23.71 26.70 -12.95
N HIS B 156 -24.82 27.44 -12.89
CA HIS B 156 -25.56 27.57 -11.65
C HIS B 156 -26.13 26.24 -11.17
N ILE B 157 -26.57 25.40 -12.11
CA ILE B 157 -27.12 24.09 -11.77
C ILE B 157 -26.08 23.18 -11.11
N CYS B 158 -24.83 23.25 -11.56
CA CYS B 158 -23.80 22.41 -10.94
C CYS B 158 -23.43 22.97 -9.59
N ASP B 159 -23.37 24.29 -9.49
CA ASP B 159 -23.05 24.94 -8.22
C ASP B 159 -24.11 24.49 -7.25
N ALA B 160 -25.37 24.57 -7.69
CA ALA B 160 -26.50 24.18 -6.86
C ALA B 160 -26.37 22.72 -6.40
N LYS B 161 -26.00 21.83 -7.31
CA LYS B 161 -25.85 20.43 -6.96
C LYS B 161 -24.76 20.26 -5.90
N TYR B 162 -23.63 20.93 -6.09
CA TYR B 162 -22.53 20.83 -5.15
C TYR B 162 -22.85 21.33 -3.74
N HIS B 163 -23.99 22.02 -3.58
CA HIS B 163 -24.38 22.52 -2.27
C HIS B 163 -25.25 21.53 -1.52
N LEU B 164 -25.83 20.59 -2.26
CA LEU B 164 -26.67 19.55 -1.69
C LEU B 164 -25.82 18.59 -0.89
N GLY B 165 -26.20 18.34 0.35
CA GLY B 165 -25.45 17.44 1.19
C GLY B 165 -24.17 18.09 1.66
N ALA B 166 -24.10 19.41 1.50
CA ALA B 166 -22.92 20.18 1.92
C ALA B 166 -23.30 21.28 2.90
N TYR B 167 -22.40 21.54 3.84
CA TYR B 167 -22.62 22.59 4.84
C TYR B 167 -22.40 23.97 4.23
N THR B 168 -21.73 24.02 3.07
CA THR B 168 -21.46 25.30 2.42
C THR B 168 -22.74 26.07 2.17
N GLY B 169 -22.75 27.34 2.61
CA GLY B 169 -23.92 28.16 2.41
C GLY B 169 -24.32 28.24 0.95
N ASP B 170 -25.62 28.34 0.69
CA ASP B 170 -26.14 28.41 -0.68
C ASP B 170 -25.64 29.58 -1.54
N ASP B 171 -25.33 30.71 -0.91
CA ASP B 171 -24.88 31.85 -1.67
C ASP B 171 -23.36 31.91 -1.81
N VAL B 172 -22.69 30.88 -1.31
CA VAL B 172 -21.23 30.80 -1.40
C VAL B 172 -20.86 29.97 -2.63
N ARG B 173 -20.25 30.64 -3.59
CA ARG B 173 -19.83 30.06 -4.85
C ARG B 173 -18.86 28.86 -4.77
N ILE B 174 -19.24 27.72 -5.32
CA ILE B 174 -18.33 26.56 -5.32
C ILE B 174 -17.84 26.34 -6.74
N VAL B 175 -18.78 26.26 -7.68
CA VAL B 175 -18.46 26.10 -9.09
C VAL B 175 -18.42 27.54 -9.54
N ARG B 176 -17.23 28.03 -9.88
CA ARG B 176 -17.06 29.42 -10.26
C ARG B 176 -17.27 29.72 -11.73
N ASP B 177 -17.41 31.01 -12.05
CA ASP B 177 -17.65 31.45 -13.43
C ASP B 177 -16.62 31.11 -14.50
N ASP B 178 -15.39 30.81 -14.11
CA ASP B 178 -14.38 30.46 -15.10
C ASP B 178 -14.38 28.95 -15.29
N MET B 179 -15.40 28.30 -14.74
CA MET B 179 -15.52 26.86 -14.81
C MET B 179 -16.71 26.44 -15.68
N LEU B 180 -16.73 25.17 -16.06
CA LEU B 180 -17.78 24.58 -16.90
C LEU B 180 -17.98 23.18 -16.34
N CYS B 181 -19.18 22.61 -16.47
CA CYS B 181 -19.39 21.28 -15.91
C CYS B 181 -20.21 20.33 -16.80
N ALA B 182 -19.89 19.05 -16.71
CA ALA B 182 -20.57 18.03 -17.50
C ALA B 182 -20.48 16.70 -16.79
N GLY B 183 -21.34 15.76 -17.16
CA GLY B 183 -21.30 14.45 -16.54
C GLY B 183 -22.47 14.12 -15.63
N ASN B 184 -22.59 12.84 -15.31
CA ASN B 184 -23.65 12.36 -14.44
C ASN B 184 -23.08 11.19 -13.64
N THR B 185 -23.95 10.47 -12.93
CA THR B 185 -23.50 9.35 -12.12
C THR B 185 -23.06 8.13 -12.93
N ARG B 186 -23.21 8.19 -14.24
CA ARG B 186 -22.81 7.07 -15.09
C ARG B 186 -21.60 7.41 -15.94
N ARG B 187 -21.58 8.63 -16.47
CA ARG B 187 -20.49 9.08 -17.35
C ARG B 187 -19.71 10.25 -16.74
N ASP B 188 -18.39 10.15 -16.77
CA ASP B 188 -17.56 11.21 -16.19
C ASP B 188 -16.06 10.92 -16.39
N SER B 189 -15.22 11.92 -16.15
CA SER B 189 -13.78 11.75 -16.26
C SER B 189 -13.25 11.55 -14.85
N CYS B 190 -12.07 10.95 -14.73
CA CYS B 190 -11.51 10.65 -13.41
C CYS B 190 -10.02 10.99 -13.30
N GLN B 191 -9.37 10.50 -12.24
CA GLN B 191 -7.94 10.74 -12.03
C GLN B 191 -7.14 10.16 -13.19
N GLY B 192 -6.31 11.01 -13.81
CA GLY B 192 -5.52 10.58 -14.94
C GLY B 192 -5.99 11.26 -16.19
N ASP B 193 -7.16 11.88 -16.13
CA ASP B 193 -7.71 12.59 -17.27
C ASP B 193 -7.38 14.07 -17.20
N SER B 194 -7.04 14.53 -15.99
CA SER B 194 -6.70 15.93 -15.74
C SER B 194 -5.88 16.60 -16.83
N GLY B 195 -6.32 17.78 -17.23
CA GLY B 195 -5.63 18.51 -18.27
C GLY B 195 -6.07 18.04 -19.64
N GLY B 196 -6.96 17.05 -19.66
CA GLY B 196 -7.46 16.50 -20.90
C GLY B 196 -8.50 17.41 -21.52
N PRO B 197 -8.95 17.11 -22.74
CA PRO B 197 -9.94 17.96 -23.39
C PRO B 197 -11.39 17.52 -23.32
N LEU B 198 -12.28 18.50 -23.38
CA LEU B 198 -13.71 18.29 -23.41
C LEU B 198 -14.06 18.98 -24.72
N VAL B 199 -14.56 18.21 -25.68
CA VAL B 199 -14.89 18.78 -26.98
C VAL B 199 -16.36 18.58 -27.38
N CYS B 200 -16.87 19.46 -28.23
CA CYS B 200 -18.26 19.35 -28.69
C CYS B 200 -18.29 19.68 -30.19
N LYS B 201 -19.13 18.99 -30.93
CA LYS B 201 -19.23 19.24 -32.36
C LYS B 201 -20.24 20.37 -32.54
N VAL B 202 -19.76 21.48 -33.07
CA VAL B 202 -20.59 22.66 -33.29
C VAL B 202 -20.61 23.04 -34.76
N ASN B 203 -21.80 23.09 -35.36
CA ASN B 203 -21.96 23.44 -36.76
C ASN B 203 -21.12 22.52 -37.63
N GLY B 204 -20.79 21.33 -37.12
CA GLY B 204 -19.99 20.40 -37.89
C GLY B 204 -18.48 20.46 -37.73
N THR B 205 -17.99 21.05 -36.64
CA THR B 205 -16.54 21.10 -36.39
C THR B 205 -16.28 20.97 -34.88
N TRP B 206 -15.12 20.42 -34.53
CA TRP B 206 -14.78 20.20 -33.12
C TRP B 206 -14.11 21.37 -32.42
N LEU B 207 -14.66 21.74 -31.26
CA LEU B 207 -14.15 22.83 -30.46
C LEU B 207 -13.91 22.38 -29.03
N GLN B 208 -12.81 22.82 -28.43
CA GLN B 208 -12.52 22.44 -27.06
C GLN B 208 -13.24 23.39 -26.12
N ALA B 209 -14.27 22.89 -25.44
CA ALA B 209 -15.03 23.73 -24.51
C ALA B 209 -14.37 23.76 -23.13
N GLY B 210 -13.66 22.70 -22.79
CA GLY B 210 -13.02 22.65 -21.49
C GLY B 210 -11.77 21.81 -21.31
N VAL B 211 -11.20 21.97 -20.12
CA VAL B 211 -10.01 21.23 -19.70
C VAL B 211 -10.42 20.48 -18.43
N VAL B 212 -10.11 19.18 -18.36
CA VAL B 212 -10.46 18.37 -17.19
C VAL B 212 -9.78 18.99 -15.97
N SER B 213 -10.58 19.53 -15.06
CA SER B 213 -10.05 20.19 -13.85
C SER B 213 -10.19 19.38 -12.56
N TRP B 214 -11.33 19.50 -11.88
CA TRP B 214 -11.52 18.78 -10.62
C TRP B 214 -12.94 18.22 -10.44
N GLY B 215 -13.24 17.80 -9.23
CA GLY B 215 -14.55 17.27 -8.94
C GLY B 215 -14.47 16.44 -7.69
N GLU B 216 -15.59 16.24 -7.00
CA GLU B 216 -15.61 15.42 -5.80
C GLU B 216 -15.78 13.98 -6.28
N GLY B 217 -14.68 13.26 -6.41
CA GLY B 217 -14.75 11.90 -6.90
C GLY B 217 -15.10 11.90 -8.38
N CYS B 218 -15.51 10.75 -8.89
CA CYS B 218 -15.89 10.61 -10.28
C CYS B 218 -17.29 10.02 -10.38
N ALA B 219 -18.12 10.66 -11.18
CA ALA B 219 -19.49 10.23 -11.39
C ALA B 219 -20.28 10.05 -10.09
N GLN B 220 -19.99 10.86 -9.07
CA GLN B 220 -20.70 10.77 -7.80
C GLN B 220 -22.03 11.53 -7.86
N PRO B 221 -23.06 11.02 -7.15
CA PRO B 221 -24.36 11.67 -7.13
C PRO B 221 -24.28 13.15 -6.78
N ASN B 222 -24.91 13.99 -7.60
CA ASN B 222 -24.92 15.43 -7.42
C ASN B 222 -23.52 16.05 -7.35
N ARG B 223 -22.55 15.43 -8.01
CA ARG B 223 -21.19 15.95 -8.02
C ARG B 223 -20.60 15.88 -9.41
N PRO B 224 -21.18 16.63 -10.35
CA PRO B 224 -20.73 16.67 -11.76
C PRO B 224 -19.28 17.10 -11.94
N GLY B 225 -18.68 16.69 -13.05
CA GLY B 225 -17.31 17.05 -13.34
C GLY B 225 -17.16 18.54 -13.57
N ILE B 226 -16.12 19.13 -13.00
CA ILE B 226 -15.88 20.55 -13.16
C ILE B 226 -14.72 20.75 -14.14
N TYR B 227 -14.90 21.65 -15.10
CA TYR B 227 -13.86 21.91 -16.10
C TYR B 227 -13.50 23.39 -16.20
N THR B 228 -12.28 23.68 -16.65
CA THR B 228 -11.86 25.07 -16.81
C THR B 228 -12.46 25.57 -18.13
N ARG B 229 -13.40 26.50 -18.06
CA ARG B 229 -14.04 27.06 -19.26
C ARG B 229 -12.99 27.69 -20.19
N VAL B 230 -12.80 27.13 -21.37
CA VAL B 230 -11.76 27.65 -22.28
C VAL B 230 -12.02 29.06 -22.82
N THR B 231 -13.25 29.33 -23.25
CA THR B 231 -13.61 30.65 -23.76
C THR B 231 -13.18 31.74 -22.79
N TYR B 232 -13.23 31.42 -21.51
CA TYR B 232 -12.88 32.35 -20.45
C TYR B 232 -11.44 32.85 -20.47
N TYR B 233 -10.51 32.01 -20.93
CA TYR B 233 -9.11 32.38 -20.95
C TYR B 233 -8.48 32.52 -22.33
N LEU B 234 -9.30 32.52 -23.37
CA LEU B 234 -8.79 32.64 -24.74
C LEU B 234 -7.78 33.78 -24.87
N ASP B 235 -8.10 34.92 -24.29
CA ASP B 235 -7.22 36.08 -24.35
C ASP B 235 -5.85 35.78 -23.75
N TRP B 236 -5.83 35.01 -22.65
CA TRP B 236 -4.58 34.65 -21.99
C TRP B 236 -3.81 33.69 -22.89
N ILE B 237 -4.52 32.71 -23.43
CA ILE B 237 -3.94 31.71 -24.32
C ILE B 237 -3.31 32.36 -25.56
N HIS B 238 -4.06 33.25 -26.21
CA HIS B 238 -3.57 33.91 -27.41
C HIS B 238 -2.44 34.91 -27.19
N HIS B 239 -2.06 35.12 -25.94
CA HIS B 239 -0.98 36.04 -25.62
C HIS B 239 0.33 35.29 -25.92
N TYR B 240 0.22 33.97 -26.02
CA TYR B 240 1.37 33.11 -26.28
C TYR B 240 1.18 32.29 -27.55
N VAL B 241 -0.02 31.76 -27.74
CA VAL B 241 -0.35 30.92 -28.90
C VAL B 241 -0.91 31.70 -30.08
N PRO B 242 -0.12 31.80 -31.17
CA PRO B 242 -0.47 32.51 -32.41
C PRO B 242 -1.81 32.04 -32.99
N LYS B 243 -2.59 32.99 -33.50
CA LYS B 243 -3.91 32.69 -34.07
C LYS B 243 -3.78 32.04 -35.45
N ILE C 1 2.70 16.29 15.23
CA ILE C 1 3.69 17.36 15.58
C ILE C 1 5.11 17.01 15.14
N VAL C 2 5.75 17.98 14.50
CA VAL C 2 7.13 17.84 14.02
C VAL C 2 8.07 18.64 14.92
N GLY C 3 9.14 18.00 15.37
CA GLY C 3 10.10 18.67 16.22
C GLY C 3 9.63 19.00 17.63
N GLY C 4 8.90 18.08 18.26
CA GLY C 4 8.46 18.37 19.61
C GLY C 4 8.90 17.29 20.57
N GLN C 5 8.30 17.29 21.75
CA GLN C 5 8.59 16.30 22.77
C GLN C 5 7.25 15.83 23.30
N GLU C 6 7.24 14.74 24.06
CA GLU C 6 6.00 14.22 24.62
C GLU C 6 5.53 15.27 25.62
N ALA C 7 4.24 15.59 25.61
CA ALA C 7 3.74 16.60 26.54
C ALA C 7 3.42 16.06 27.94
N PRO C 8 3.71 16.85 28.98
CA PRO C 8 3.41 16.38 30.35
C PRO C 8 1.90 16.30 30.62
N ARG C 9 1.51 15.41 31.52
CA ARG C 9 0.10 15.18 31.88
C ARG C 9 -0.68 16.41 32.32
N SER C 10 0.01 17.38 32.91
CA SER C 10 -0.64 18.59 33.40
C SER C 10 -0.79 19.73 32.39
N LYS C 11 -0.41 19.50 31.13
CA LYS C 11 -0.54 20.53 30.12
C LYS C 11 -1.58 20.20 29.04
N TRP C 12 -2.11 21.26 28.44
CA TRP C 12 -3.11 21.16 27.38
C TRP C 12 -4.32 20.32 27.78
N PRO C 13 -4.99 20.72 28.88
CA PRO C 13 -6.18 20.04 29.41
C PRO C 13 -7.40 20.14 28.48
N TRP C 14 -7.32 21.04 27.51
CA TRP C 14 -8.39 21.29 26.55
C TRP C 14 -8.29 20.51 25.23
N GLN C 15 -7.16 19.84 25.03
CA GLN C 15 -6.92 19.06 23.81
C GLN C 15 -7.91 17.93 23.69
N VAL C 16 -8.35 17.66 22.47
CA VAL C 16 -9.28 16.56 22.25
C VAL C 16 -8.89 15.83 20.98
N SER C 17 -9.44 14.63 20.83
CA SER C 17 -9.19 13.78 19.68
C SER C 17 -10.54 13.45 19.07
N LEU C 18 -10.67 13.61 17.75
CA LEU C 18 -11.92 13.27 17.08
C LEU C 18 -11.78 11.85 16.57
N ARG C 19 -12.82 11.06 16.70
CA ARG C 19 -12.79 9.67 16.28
C ARG C 19 -13.85 9.29 15.26
N VAL C 20 -13.40 8.56 14.23
CA VAL C 20 -14.29 8.09 13.18
C VAL C 20 -14.53 6.63 13.45
N HIS C 21 -15.73 6.17 13.16
CA HIS C 21 -16.08 4.77 13.37
C HIS C 21 -15.45 3.90 12.27
N GLY C 22 -15.10 2.68 12.62
CA GLY C 22 -14.50 1.77 11.68
C GLY C 22 -14.11 0.52 12.44
N PRO C 23 -13.13 -0.28 11.96
CA PRO C 23 -12.75 -1.48 12.71
C PRO C 23 -12.47 -1.11 14.17
N TYR C 24 -12.09 0.14 14.38
CA TYR C 24 -11.87 0.70 15.72
C TYR C 24 -12.07 2.20 15.61
N TRP C 25 -12.39 2.86 16.71
CA TRP C 25 -12.61 4.30 16.69
C TRP C 25 -11.29 5.04 16.46
N MET C 26 -10.97 5.25 15.19
CA MET C 26 -9.73 5.89 14.81
C MET C 26 -9.71 7.41 14.89
N HIS C 27 -8.54 7.95 15.24
CA HIS C 27 -8.31 9.38 15.35
C HIS C 27 -8.00 9.97 13.97
N PHE C 28 -8.72 11.02 13.57
CA PHE C 28 -8.48 11.64 12.27
C PHE C 28 -8.21 13.14 12.37
N CYS C 29 -8.52 13.75 13.51
CA CYS C 29 -8.29 15.18 13.70
C CYS C 29 -8.23 15.60 15.17
N GLY C 30 -7.69 16.79 15.40
CA GLY C 30 -7.62 17.32 16.75
C GLY C 30 -8.78 18.27 17.00
N GLY C 31 -8.81 18.85 18.19
CA GLY C 31 -9.86 19.79 18.55
C GLY C 31 -9.56 20.42 19.89
N SER C 32 -10.49 21.22 20.41
CA SER C 32 -10.28 21.85 21.71
C SER C 32 -11.61 22.11 22.40
N LEU C 33 -11.62 21.98 23.71
CA LEU C 33 -12.84 22.22 24.47
C LEU C 33 -12.88 23.70 24.84
N ILE C 34 -13.90 24.39 24.38
CA ILE C 34 -14.08 25.81 24.67
C ILE C 34 -15.31 26.01 25.56
N HIS C 35 -15.95 24.92 25.93
CA HIS C 35 -17.16 24.96 26.75
C HIS C 35 -17.49 23.52 27.09
N PRO C 36 -18.13 23.28 28.26
CA PRO C 36 -18.50 21.92 28.68
C PRO C 36 -19.34 21.17 27.64
N GLN C 37 -19.90 21.88 26.69
CA GLN C 37 -20.71 21.22 25.67
C GLN C 37 -20.22 21.48 24.25
N TRP C 38 -19.17 22.28 24.10
CA TRP C 38 -18.66 22.57 22.76
C TRP C 38 -17.18 22.33 22.51
N VAL C 39 -16.89 21.86 21.31
CA VAL C 39 -15.52 21.59 20.87
C VAL C 39 -15.23 22.37 19.59
N LEU C 40 -14.10 23.07 19.57
CA LEU C 40 -13.68 23.84 18.41
C LEU C 40 -12.73 22.98 17.56
N THR C 41 -12.91 23.03 16.23
CA THR C 41 -12.06 22.26 15.33
C THR C 41 -12.05 22.85 13.92
N ALA C 42 -11.35 22.21 13.01
CA ALA C 42 -11.27 22.68 11.62
C ALA C 42 -12.47 22.18 10.81
N ALA C 43 -12.96 23.04 9.93
CA ALA C 43 -14.09 22.68 9.08
C ALA C 43 -13.71 21.56 8.09
N HIS C 44 -12.46 21.51 7.64
CA HIS C 44 -12.13 20.46 6.69
C HIS C 44 -12.06 19.08 7.35
N CYS C 45 -12.09 19.05 8.69
CA CYS C 45 -12.05 17.78 9.41
C CYS C 45 -13.40 17.08 9.34
N VAL C 46 -14.48 17.85 9.23
CA VAL C 46 -15.82 17.30 9.18
C VAL C 46 -16.66 17.65 7.94
N GLY C 47 -16.15 18.54 7.09
CA GLY C 47 -16.91 18.92 5.90
C GLY C 47 -16.04 18.98 4.65
N PRO C 48 -16.48 19.65 3.56
CA PRO C 48 -17.75 20.38 3.40
C PRO C 48 -19.03 19.55 3.34
N ASP C 49 -18.93 18.23 3.17
CA ASP C 49 -20.14 17.41 3.09
C ASP C 49 -20.65 16.97 4.44
N VAL C 50 -21.96 16.88 4.58
CA VAL C 50 -22.59 16.48 5.83
C VAL C 50 -22.28 15.02 6.13
N LYS C 51 -21.91 14.76 7.38
CA LYS C 51 -21.56 13.43 7.81
C LYS C 51 -22.64 12.82 8.71
N ASP C 52 -22.57 11.51 8.90
CA ASP C 52 -23.50 10.79 9.76
C ASP C 52 -22.98 10.94 11.17
N LEU C 53 -23.62 11.79 11.95
CA LEU C 53 -23.23 12.04 13.34
C LEU C 53 -22.89 10.79 14.15
N ALA C 54 -23.56 9.69 13.84
CA ALA C 54 -23.37 8.42 14.55
C ALA C 54 -21.94 7.89 14.45
N ALA C 55 -21.33 8.05 13.28
CA ALA C 55 -19.97 7.57 13.05
C ALA C 55 -18.89 8.44 13.67
N LEU C 56 -19.29 9.48 14.41
CA LEU C 56 -18.33 10.39 15.01
C LEU C 56 -18.42 10.44 16.53
N ARG C 57 -17.27 10.45 17.18
CA ARG C 57 -17.21 10.54 18.62
C ARG C 57 -16.04 11.42 19.01
N VAL C 58 -16.07 11.87 20.25
CA VAL C 58 -15.04 12.74 20.79
C VAL C 58 -14.41 12.12 22.03
N GLN C 59 -13.09 12.13 22.06
CA GLN C 59 -12.31 11.62 23.18
C GLN C 59 -11.68 12.85 23.83
N LEU C 60 -11.87 13.05 25.13
CA LEU C 60 -11.28 14.21 25.80
C LEU C 60 -9.80 13.92 26.07
N ARG C 61 -9.09 14.86 26.67
CA ARG C 61 -7.65 14.65 26.87
C ARG C 61 -7.20 13.31 27.39
N GLU C 62 -6.25 12.74 26.67
CA GLU C 62 -5.63 11.45 26.95
C GLU C 62 -4.13 11.69 26.89
N GLN C 63 -3.35 10.87 27.59
CA GLN C 63 -1.91 11.01 27.54
C GLN C 63 -1.43 10.18 26.36
N HIS C 64 -2.13 9.07 26.11
CA HIS C 64 -1.82 8.19 24.98
C HIS C 64 -3.09 7.69 24.31
N LEU C 65 -3.16 7.81 23.00
CA LEU C 65 -4.36 7.40 22.26
C LEU C 65 -4.80 5.94 22.39
N TYR C 66 -6.10 5.76 22.51
CA TYR C 66 -6.74 4.45 22.57
C TYR C 66 -6.59 3.65 23.86
N TYR C 67 -5.64 4.01 24.70
CA TYR C 67 -5.44 3.25 25.93
C TYR C 67 -6.49 3.46 27.02
N GLN C 68 -6.92 4.72 27.22
CA GLN C 68 -7.91 5.02 28.24
C GLN C 68 -9.14 5.69 27.61
N ASP C 69 -9.61 5.12 26.49
CA ASP C 69 -10.75 5.68 25.78
C ASP C 69 -12.05 5.73 26.57
N GLN C 70 -12.73 6.86 26.45
CA GLN C 70 -13.98 7.12 27.12
C GLN C 70 -14.80 7.96 26.14
N LEU C 71 -14.89 7.48 24.91
CA LEU C 71 -15.59 8.19 23.83
C LEU C 71 -16.94 8.84 24.17
N LEU C 72 -17.16 10.05 23.63
CA LEU C 72 -18.37 10.84 23.89
C LEU C 72 -19.11 11.17 22.59
N PRO C 73 -20.41 10.84 22.51
CA PRO C 73 -21.23 11.11 21.31
C PRO C 73 -21.46 12.61 21.03
N VAL C 74 -21.64 12.93 19.76
CA VAL C 74 -21.85 14.29 19.32
C VAL C 74 -23.29 14.45 18.85
N SER C 75 -23.92 15.57 19.21
CA SER C 75 -25.31 15.79 18.81
C SER C 75 -25.40 16.76 17.64
N ARG C 76 -24.41 17.64 17.49
CA ARG C 76 -24.42 18.60 16.39
C ARG C 76 -23.04 18.87 15.83
N ILE C 77 -23.00 19.10 14.51
CA ILE C 77 -21.78 19.41 13.78
C ILE C 77 -22.10 20.73 13.07
N ILE C 78 -21.46 21.80 13.47
CA ILE C 78 -21.72 23.10 12.85
C ILE C 78 -20.49 23.64 12.15
N VAL C 79 -20.54 23.64 10.82
CA VAL C 79 -19.42 24.11 9.99
C VAL C 79 -19.69 25.51 9.45
N HIS C 80 -18.68 26.39 9.55
CA HIS C 80 -18.85 27.75 9.04
C HIS C 80 -19.31 27.66 7.59
N PRO C 81 -20.47 28.28 7.27
CA PRO C 81 -21.10 28.30 5.95
C PRO C 81 -20.24 28.84 4.80
N GLN C 82 -19.14 29.47 5.16
CA GLN C 82 -18.21 30.05 4.20
C GLN C 82 -17.18 29.05 3.69
N PHE C 83 -17.06 27.91 4.38
CA PHE C 83 -16.08 26.89 4.05
C PHE C 83 -16.31 25.94 2.90
N TYR C 84 -15.23 25.64 2.18
CA TYR C 84 -15.26 24.68 1.09
C TYR C 84 -13.91 23.96 0.99
N THR C 85 -12.81 24.69 1.09
CA THR C 85 -11.47 24.10 1.07
C THR C 85 -10.67 24.94 2.05
N ALA C 86 -9.61 24.37 2.64
CA ALA C 86 -8.81 25.12 3.60
C ALA C 86 -8.01 26.26 3.02
N GLN C 87 -7.58 26.11 1.76
CA GLN C 87 -6.81 27.16 1.09
C GLN C 87 -7.67 28.39 0.89
N ILE C 88 -8.93 28.19 0.50
CA ILE C 88 -9.83 29.32 0.31
C ILE C 88 -10.01 30.00 1.67
N GLY C 89 -10.33 29.21 2.69
CA GLY C 89 -10.47 29.81 4.01
C GLY C 89 -11.69 29.41 4.82
N ALA C 90 -11.83 30.06 5.97
CA ALA C 90 -12.95 29.81 6.89
C ALA C 90 -12.90 28.35 7.32
N ASP C 91 -11.70 27.90 7.67
CA ASP C 91 -11.48 26.52 8.08
C ASP C 91 -11.72 26.40 9.57
N ILE C 92 -12.98 26.57 9.95
CA ILE C 92 -13.38 26.51 11.35
C ILE C 92 -14.73 25.79 11.49
N ALA C 93 -14.94 25.14 12.63
CA ALA C 93 -16.18 24.40 12.88
C ALA C 93 -16.42 24.11 14.37
N LEU C 94 -17.65 23.73 14.69
CA LEU C 94 -18.02 23.45 16.07
C LEU C 94 -18.74 22.13 16.21
N LEU C 95 -18.54 21.49 17.36
CA LEU C 95 -19.20 20.23 17.68
C LEU C 95 -19.89 20.38 19.02
N GLU C 96 -21.14 19.94 19.10
CA GLU C 96 -21.87 20.00 20.35
C GLU C 96 -22.03 18.60 20.90
N LEU C 97 -21.53 18.41 22.12
CA LEU C 97 -21.60 17.11 22.75
C LEU C 97 -23.05 16.90 23.18
N GLU C 98 -23.44 15.65 23.40
CA GLU C 98 -24.81 15.35 23.82
C GLU C 98 -25.00 15.63 25.29
N GLU C 99 -23.89 15.80 26.01
CA GLU C 99 -23.92 16.07 27.44
C GLU C 99 -22.74 16.98 27.76
N PRO C 100 -22.85 17.79 28.82
CA PRO C 100 -21.75 18.68 29.21
C PRO C 100 -20.70 17.84 29.92
N VAL C 101 -19.44 18.26 29.88
CA VAL C 101 -18.42 17.47 30.56
C VAL C 101 -18.02 18.11 31.88
N LYS C 102 -17.75 17.27 32.87
CA LYS C 102 -17.33 17.76 34.18
C LYS C 102 -15.88 18.22 34.06
N VAL C 103 -15.66 19.50 34.32
CA VAL C 103 -14.35 20.11 34.22
C VAL C 103 -13.48 19.87 35.46
N SER C 104 -12.17 19.91 35.28
CA SER C 104 -11.21 19.71 36.37
C SER C 104 -9.83 20.21 35.96
N SER C 105 -8.83 19.89 36.78
CA SER C 105 -7.45 20.28 36.51
C SER C 105 -6.87 19.54 35.31
N HIS C 106 -7.33 18.31 35.09
CA HIS C 106 -6.82 17.51 33.98
C HIS C 106 -7.61 17.72 32.70
N VAL C 107 -8.78 18.33 32.81
CA VAL C 107 -9.59 18.59 31.63
C VAL C 107 -10.58 19.73 31.82
N HIS C 108 -10.27 20.85 31.19
CA HIS C 108 -11.12 22.02 31.21
C HIS C 108 -10.99 22.79 29.90
N THR C 109 -11.86 23.76 29.68
CA THR C 109 -11.86 24.52 28.45
C THR C 109 -10.69 25.49 28.31
N VAL C 110 -10.41 25.89 27.07
CA VAL C 110 -9.35 26.85 26.77
C VAL C 110 -10.03 28.20 26.57
N THR C 111 -9.32 29.28 26.89
CA THR C 111 -9.89 30.61 26.75
C THR C 111 -9.72 31.18 25.35
N LEU C 112 -10.82 31.68 24.80
CA LEU C 112 -10.80 32.30 23.48
C LEU C 112 -10.26 33.71 23.68
N PRO C 113 -9.57 34.26 22.67
CA PRO C 113 -8.99 35.60 22.72
C PRO C 113 -9.94 36.75 22.43
N PRO C 114 -9.62 37.95 22.94
CA PRO C 114 -10.48 39.11 22.70
C PRO C 114 -10.34 39.47 21.22
N ALA C 115 -11.41 39.99 20.65
CA ALA C 115 -11.43 40.35 19.24
C ALA C 115 -10.28 41.19 18.71
N SER C 116 -9.61 41.92 19.61
CA SER C 116 -8.52 42.80 19.22
C SER C 116 -7.11 42.22 19.38
N GLU C 117 -7.01 40.97 19.80
CA GLU C 117 -5.71 40.33 20.01
C GLU C 117 -5.01 40.07 18.68
N THR C 118 -3.73 40.42 18.61
CA THR C 118 -2.99 40.27 17.36
C THR C 118 -1.98 39.11 17.27
N PHE C 119 -1.34 38.75 18.38
CA PHE C 119 -0.35 37.66 18.36
C PHE C 119 0.74 37.98 17.34
N PRO C 120 1.60 38.96 17.65
CA PRO C 120 2.68 39.33 16.73
C PRO C 120 3.93 38.46 16.90
N PRO C 121 4.79 38.44 15.88
CA PRO C 121 6.01 37.64 15.97
C PRO C 121 6.75 37.89 17.27
N GLY C 122 7.71 37.02 17.57
CA GLY C 122 8.48 37.14 18.80
C GLY C 122 7.75 36.43 19.93
N MET C 123 6.46 36.68 20.02
CA MET C 123 5.61 36.06 21.02
C MET C 123 5.56 34.55 20.75
N PRO C 124 6.01 33.74 21.72
CA PRO C 124 6.01 32.27 21.57
C PRO C 124 4.67 31.60 21.85
N CYS C 125 4.33 30.62 21.00
CA CYS C 125 3.09 29.87 21.12
C CYS C 125 3.40 28.39 20.99
N TRP C 126 2.43 27.54 21.31
CA TRP C 126 2.62 26.09 21.22
C TRP C 126 1.46 25.48 20.44
N VAL C 127 1.74 24.39 19.74
CA VAL C 127 0.72 23.66 19.00
C VAL C 127 0.84 22.22 19.46
N THR C 128 -0.30 21.58 19.68
CA THR C 128 -0.33 20.20 20.18
C THR C 128 -1.19 19.27 19.34
N GLY C 129 -0.91 17.98 19.47
CA GLY C 129 -1.67 16.98 18.73
C GLY C 129 -0.98 15.63 18.60
N TRP C 130 -1.67 14.71 17.94
CA TRP C 130 -1.23 13.34 17.70
C TRP C 130 -0.93 13.08 16.21
N GLY C 131 -0.58 14.12 15.47
CA GLY C 131 -0.30 13.95 14.05
C GLY C 131 1.07 13.36 13.75
N ASP C 132 1.38 13.22 12.46
CA ASP C 132 2.66 12.68 12.02
C ASP C 132 3.80 13.49 12.63
N VAL C 133 4.96 12.85 12.80
CA VAL C 133 6.13 13.51 13.38
C VAL C 133 7.05 14.03 12.26
N ASP C 134 6.57 13.90 11.03
CA ASP C 134 7.28 14.36 9.84
C ASP C 134 6.46 13.94 8.62
N ASN C 135 6.84 14.44 7.45
CA ASN C 135 6.09 14.10 6.24
C ASN C 135 6.03 12.58 6.04
N ASP C 136 4.82 12.03 6.08
CA ASP C 136 4.59 10.61 5.89
C ASP C 136 5.04 9.71 7.04
N GLU C 137 5.44 10.30 8.16
CA GLU C 137 5.90 9.50 9.29
C GLU C 137 4.91 9.54 10.46
N ARG C 138 4.07 8.52 10.56
CA ARG C 138 3.07 8.43 11.61
C ARG C 138 3.60 8.41 13.03
N LEU C 139 2.82 8.94 13.96
CA LEU C 139 3.23 8.92 15.35
C LEU C 139 3.22 7.45 15.74
N PRO C 140 4.32 6.95 16.31
CA PRO C 140 4.45 5.55 16.74
C PRO C 140 3.79 5.23 18.08
N PRO C 141 3.29 3.99 18.24
CA PRO C 141 2.65 3.63 19.51
C PRO C 141 3.70 3.86 20.60
N PRO C 142 3.27 4.11 21.84
CA PRO C 142 1.90 4.19 22.36
C PRO C 142 1.11 5.46 22.03
N PHE C 143 1.57 6.23 21.03
CA PHE C 143 0.85 7.44 20.60
C PHE C 143 0.72 8.55 21.65
N PRO C 144 1.84 9.17 22.03
CA PRO C 144 1.77 10.23 23.03
C PRO C 144 1.34 11.56 22.43
N LEU C 145 0.71 12.40 23.26
CA LEU C 145 0.30 13.73 22.84
C LEU C 145 1.60 14.52 22.77
N LYS C 146 1.90 15.12 21.63
CA LYS C 146 3.12 15.90 21.52
C LYS C 146 2.83 17.39 21.51
N GLN C 147 3.83 18.17 21.85
CA GLN C 147 3.73 19.63 21.90
C GLN C 147 4.98 20.20 21.24
N VAL C 148 4.88 21.40 20.69
CA VAL C 148 6.06 22.03 20.10
C VAL C 148 5.87 23.53 20.07
N LYS C 149 6.91 24.26 20.45
CA LYS C 149 6.87 25.72 20.44
C LYS C 149 7.14 26.20 18.99
N VAL C 150 6.21 26.97 18.43
CA VAL C 150 6.35 27.46 17.06
C VAL C 150 6.46 28.97 16.98
N PRO C 151 7.41 29.46 16.16
CA PRO C 151 7.61 30.89 15.98
C PRO C 151 6.53 31.45 15.06
N ILE C 152 5.89 32.54 15.50
CA ILE C 152 4.84 33.19 14.71
C ILE C 152 5.44 34.28 13.80
N MET C 153 5.01 34.30 12.55
CA MET C 153 5.52 35.31 11.61
C MET C 153 4.32 36.10 11.05
N GLU C 154 4.57 37.36 10.66
CA GLU C 154 3.49 38.19 10.12
C GLU C 154 2.91 37.59 8.85
N ASN C 155 1.59 37.72 8.67
CA ASN C 155 0.95 37.15 7.50
C ASN C 155 1.61 37.47 6.17
N HIS C 156 2.03 38.72 5.95
CA HIS C 156 2.65 39.07 4.67
C HIS C 156 4.02 38.44 4.46
N ILE C 157 4.66 38.05 5.55
CA ILE C 157 5.98 37.42 5.44
C ILE C 157 5.79 35.99 4.89
N CYS C 158 4.81 35.28 5.44
CA CYS C 158 4.52 33.93 5.01
C CYS C 158 3.97 33.91 3.60
N ASP C 159 3.10 34.87 3.29
CA ASP C 159 2.51 34.95 1.96
C ASP C 159 3.60 35.09 0.91
N ALA C 160 4.56 35.96 1.16
CA ALA C 160 5.66 36.19 0.24
C ALA C 160 6.49 34.92 0.06
N LYS C 161 6.66 34.14 1.14
CA LYS C 161 7.44 32.91 1.04
C LYS C 161 6.68 31.79 0.32
N TYR C 162 5.36 31.78 0.38
CA TYR C 162 4.65 30.73 -0.31
C TYR C 162 4.76 30.94 -1.82
N HIS C 163 5.13 32.16 -2.22
CA HIS C 163 5.29 32.50 -3.63
C HIS C 163 6.69 32.17 -4.14
N LEU C 164 7.63 31.96 -3.22
CA LEU C 164 8.98 31.62 -3.65
C LEU C 164 8.95 30.21 -4.21
N GLY C 165 9.40 30.06 -5.45
CA GLY C 165 9.42 28.76 -6.09
C GLY C 165 8.05 28.34 -6.60
N ALA C 166 7.19 29.32 -6.85
CA ALA C 166 5.85 29.06 -7.34
C ALA C 166 5.54 29.92 -8.56
N TYR C 167 4.57 29.46 -9.35
CA TYR C 167 4.16 30.17 -10.55
C TYR C 167 3.11 31.24 -10.22
N THR C 168 2.47 31.09 -9.06
CA THR C 168 1.44 32.03 -8.63
C THR C 168 2.01 33.46 -8.59
N GLY C 169 1.26 34.40 -9.15
CA GLY C 169 1.71 35.79 -9.17
C GLY C 169 1.81 36.40 -7.80
N ASP C 170 2.89 37.13 -7.55
CA ASP C 170 3.11 37.76 -6.25
C ASP C 170 1.90 38.57 -5.79
N ASP C 171 1.05 38.93 -6.73
CA ASP C 171 -0.15 39.73 -6.48
C ASP C 171 -1.34 38.92 -5.94
N VAL C 172 -1.37 37.63 -6.28
CA VAL C 172 -2.44 36.75 -5.84
C VAL C 172 -2.23 36.24 -4.42
N ARG C 173 -2.96 36.78 -3.46
CA ARG C 173 -2.78 36.39 -2.06
C ARG C 173 -3.08 34.93 -1.74
N ILE C 174 -2.10 34.25 -1.17
CA ILE C 174 -2.22 32.84 -0.79
C ILE C 174 -2.62 32.68 0.66
N VAL C 175 -1.84 33.30 1.55
CA VAL C 175 -2.11 33.29 2.98
C VAL C 175 -3.09 34.45 3.19
N ARG C 176 -4.37 34.11 3.32
CA ARG C 176 -5.40 35.12 3.47
C ARG C 176 -5.46 35.74 4.88
N ASP C 177 -6.27 36.79 5.04
CA ASP C 177 -6.36 37.49 6.33
C ASP C 177 -7.03 36.77 7.49
N ASP C 178 -7.94 35.86 7.17
CA ASP C 178 -8.61 35.11 8.22
C ASP C 178 -7.70 33.95 8.63
N MET C 179 -6.45 34.02 8.18
CA MET C 179 -5.48 32.97 8.50
C MET C 179 -4.35 33.51 9.37
N LEU C 180 -3.60 32.60 9.99
CA LEU C 180 -2.50 32.93 10.88
C LEU C 180 -1.34 31.99 10.56
N CYS C 181 -0.13 32.49 10.66
CA CYS C 181 1.01 31.70 10.28
C CYS C 181 2.08 31.45 11.34
N ALA C 182 2.53 30.19 11.44
CA ALA C 182 3.55 29.82 12.41
C ALA C 182 4.35 28.55 12.04
N GLY C 183 5.54 28.44 12.65
CA GLY C 183 6.40 27.29 12.44
C GLY C 183 7.55 27.48 11.47
N ASN C 184 8.44 26.50 11.45
CA ASN C 184 9.58 26.52 10.53
C ASN C 184 9.98 25.10 10.13
N THR C 185 11.14 24.94 9.51
CA THR C 185 11.59 23.64 9.04
C THR C 185 11.97 22.64 10.13
N ARG C 186 11.85 23.03 11.38
CA ARG C 186 12.18 22.13 12.47
C ARG C 186 11.01 21.96 13.43
N ARG C 187 10.11 22.94 13.44
CA ARG C 187 8.97 22.92 14.32
C ARG C 187 7.72 23.23 13.51
N ASP C 188 6.77 22.30 13.49
CA ASP C 188 5.54 22.51 12.74
C ASP C 188 4.55 21.40 13.13
N SER C 189 3.29 21.57 12.73
CA SER C 189 2.27 20.55 12.98
C SER C 189 2.19 19.81 11.64
N CYS C 190 1.72 18.57 11.66
CA CYS C 190 1.64 17.78 10.43
C CYS C 190 0.27 17.08 10.33
N GLN C 191 0.07 16.28 9.28
CA GLN C 191 -1.19 15.55 9.09
C GLN C 191 -1.57 14.83 10.36
N GLY C 192 -2.80 15.04 10.82
CA GLY C 192 -3.25 14.40 12.04
C GLY C 192 -3.50 15.41 13.14
N ASP C 193 -2.90 16.60 13.02
CA ASP C 193 -3.09 17.67 14.02
C ASP C 193 -4.20 18.64 13.61
N SER C 194 -4.63 18.58 12.35
CA SER C 194 -5.68 19.46 11.85
C SER C 194 -6.82 19.55 12.85
N GLY C 195 -7.32 20.77 13.04
CA GLY C 195 -8.43 20.99 13.96
C GLY C 195 -7.98 21.25 15.38
N GLY C 196 -6.77 20.82 15.71
CA GLY C 196 -6.23 21.01 17.05
C GLY C 196 -5.94 22.48 17.36
N PRO C 197 -5.55 22.80 18.60
CA PRO C 197 -5.27 24.19 18.94
C PRO C 197 -3.84 24.69 18.81
N LEU C 198 -3.73 26.01 18.67
CA LEU C 198 -2.45 26.71 18.63
C LEU C 198 -2.69 27.77 19.72
N VAL C 199 -1.94 27.68 20.82
CA VAL C 199 -2.15 28.60 21.92
C VAL C 199 -0.94 29.46 22.27
N CYS C 200 -1.20 30.70 22.67
CA CYS C 200 -0.14 31.62 23.06
C CYS C 200 -0.45 32.14 24.46
N LYS C 201 0.60 32.30 25.26
CA LYS C 201 0.47 32.81 26.62
C LYS C 201 0.56 34.32 26.58
N VAL C 202 -0.51 35.01 26.97
CA VAL C 202 -0.50 36.47 26.93
C VAL C 202 -0.25 37.09 28.30
N ASN C 203 -1.30 37.49 29.01
CA ASN C 203 -1.07 38.06 30.33
C ASN C 203 -1.23 36.99 31.41
N GLY C 204 -0.44 35.93 31.30
CA GLY C 204 -0.53 34.85 32.27
C GLY C 204 -1.66 33.90 31.94
N THR C 205 -2.48 34.27 30.97
CA THR C 205 -3.61 33.44 30.54
C THR C 205 -3.31 32.80 29.19
N TRP C 206 -3.81 31.60 28.96
CA TRP C 206 -3.60 30.93 27.68
C TRP C 206 -4.76 31.25 26.75
N LEU C 207 -4.44 31.66 25.53
CA LEU C 207 -5.46 32.01 24.53
C LEU C 207 -5.27 31.21 23.24
N GLN C 208 -6.36 30.69 22.67
CA GLN C 208 -6.23 29.95 21.42
C GLN C 208 -6.17 30.95 20.27
N ALA C 209 -5.00 31.10 19.69
CA ALA C 209 -4.81 32.02 18.58
C ALA C 209 -5.22 31.40 17.26
N GLY C 210 -5.03 30.09 17.13
CA GLY C 210 -5.39 29.43 15.88
C GLY C 210 -5.91 28.01 15.94
N VAL C 211 -6.30 27.50 14.78
CA VAL C 211 -6.79 26.14 14.61
C VAL C 211 -5.95 25.55 13.49
N VAL C 212 -5.25 24.44 13.75
CA VAL C 212 -4.38 23.82 12.74
C VAL C 212 -5.17 23.61 11.45
N SER C 213 -4.71 24.22 10.37
CA SER C 213 -5.42 24.12 9.11
C SER C 213 -4.66 23.39 8.01
N TRP C 214 -3.84 24.11 7.24
CA TRP C 214 -3.10 23.49 6.16
C TRP C 214 -1.65 23.94 6.03
N GLY C 215 -1.03 23.54 4.93
CA GLY C 215 0.35 23.89 4.64
C GLY C 215 0.82 22.98 3.52
N GLU C 216 1.91 23.32 2.85
CA GLU C 216 2.43 22.47 1.79
C GLU C 216 3.43 21.54 2.45
N GLY C 217 2.95 20.38 2.86
CA GLY C 217 3.84 19.47 3.54
C GLY C 217 4.01 19.98 4.96
N CYS C 218 5.00 19.46 5.67
CA CYS C 218 5.26 19.86 7.06
C CYS C 218 6.72 20.30 7.24
N ALA C 219 6.91 21.40 7.94
CA ALA C 219 8.25 21.92 8.21
C ALA C 219 9.12 22.02 6.95
N GLN C 220 8.50 22.33 5.82
CA GLN C 220 9.22 22.45 4.55
C GLN C 220 9.70 23.89 4.24
N PRO C 221 10.86 24.02 3.58
CA PRO C 221 11.46 25.30 3.21
C PRO C 221 10.50 26.29 2.53
N ASN C 222 10.35 27.47 3.12
CA ASN C 222 9.48 28.52 2.59
C ASN C 222 7.99 28.17 2.59
N ARG C 223 7.60 27.25 3.46
CA ARG C 223 6.19 26.85 3.50
C ARG C 223 5.77 26.63 4.94
N PRO C 224 5.76 27.72 5.73
CA PRO C 224 5.36 27.61 7.14
C PRO C 224 3.90 27.17 7.28
N GLY C 225 3.56 26.61 8.43
CA GLY C 225 2.20 26.15 8.67
C GLY C 225 1.18 27.25 8.69
N ILE C 226 -0.04 26.93 8.28
CA ILE C 226 -1.11 27.93 8.25
C ILE C 226 -2.27 27.54 9.16
N TYR C 227 -2.69 28.48 10.02
CA TYR C 227 -3.77 28.25 10.96
C TYR C 227 -4.94 29.19 10.76
N THR C 228 -6.15 28.71 11.05
CA THR C 228 -7.31 29.59 10.92
C THR C 228 -7.17 30.64 12.03
N ARG C 229 -7.31 31.91 11.68
CA ARG C 229 -7.20 32.96 12.69
C ARG C 229 -8.48 33.02 13.52
N VAL C 230 -8.41 32.48 14.74
CA VAL C 230 -9.57 32.43 15.62
C VAL C 230 -10.27 33.76 15.89
N THR C 231 -9.53 34.85 16.05
CA THR C 231 -10.19 36.13 16.34
C THR C 231 -11.10 36.59 15.22
N TYR C 232 -10.85 36.11 14.02
CA TYR C 232 -11.63 36.50 12.86
C TYR C 232 -13.04 35.91 12.87
N TYR C 233 -13.21 34.80 13.57
CA TYR C 233 -14.52 34.16 13.60
C TYR C 233 -15.25 34.17 14.94
N LEU C 234 -14.73 34.93 15.91
CA LEU C 234 -15.37 35.04 17.23
C LEU C 234 -16.88 35.28 17.18
N ASP C 235 -17.31 36.25 16.37
CA ASP C 235 -18.73 36.56 16.25
C ASP C 235 -19.55 35.33 15.86
N TRP C 236 -19.03 34.56 14.92
CA TRP C 236 -19.73 33.36 14.46
C TRP C 236 -19.84 32.34 15.59
N ILE C 237 -18.74 32.11 16.28
CA ILE C 237 -18.70 31.15 17.36
C ILE C 237 -19.77 31.47 18.42
N HIS C 238 -19.90 32.75 18.75
CA HIS C 238 -20.86 33.20 19.76
C HIS C 238 -22.32 33.14 19.35
N HIS C 239 -22.58 32.69 18.13
CA HIS C 239 -23.97 32.55 17.70
C HIS C 239 -24.45 31.20 18.19
N TYR C 240 -23.50 30.37 18.63
CA TYR C 240 -23.80 29.03 19.11
C TYR C 240 -23.31 28.76 20.53
N VAL C 241 -22.08 29.19 20.80
CA VAL C 241 -21.47 28.98 22.11
C VAL C 241 -21.76 30.17 23.00
N PRO C 242 -22.26 29.92 24.22
CA PRO C 242 -22.57 30.99 25.17
C PRO C 242 -21.30 31.75 25.52
N LYS C 243 -21.44 33.01 25.92
CA LYS C 243 -20.31 33.85 26.29
C LYS C 243 -19.92 33.67 27.75
N ILE D 1 -4.86 -13.38 17.06
CA ILE D 1 -5.78 -14.43 17.56
C ILE D 1 -7.15 -14.30 16.89
N VAL D 2 -7.67 -15.41 16.34
CA VAL D 2 -8.95 -15.38 15.68
C VAL D 2 -10.04 -16.04 16.50
N GLY D 3 -11.15 -15.31 16.67
CA GLY D 3 -12.28 -15.83 17.42
C GLY D 3 -12.13 -15.91 18.93
N GLY D 4 -11.19 -15.15 19.49
CA GLY D 4 -11.01 -15.17 20.92
C GLY D 4 -11.44 -13.87 21.59
N GLN D 5 -10.74 -13.50 22.66
CA GLN D 5 -11.05 -12.28 23.38
C GLN D 5 -9.91 -11.81 24.27
N GLU D 6 -9.99 -10.56 24.71
CA GLU D 6 -8.96 -9.97 25.58
C GLU D 6 -8.77 -10.86 26.79
N ALA D 7 -7.52 -11.13 27.13
CA ALA D 7 -7.19 -11.97 28.25
C ALA D 7 -7.16 -11.22 29.59
N PRO D 8 -7.67 -11.86 30.66
CA PRO D 8 -7.71 -11.27 32.01
C PRO D 8 -6.29 -10.91 32.39
N ARG D 9 -6.12 -9.77 33.06
CA ARG D 9 -4.80 -9.32 33.46
C ARG D 9 -3.91 -10.37 34.15
N SER D 10 -4.50 -11.37 34.78
CA SER D 10 -3.72 -12.37 35.50
C SER D 10 -3.61 -13.76 34.86
N LYS D 11 -3.65 -13.81 33.54
CA LYS D 11 -3.54 -15.08 32.84
C LYS D 11 -2.37 -15.01 31.89
N TRP D 12 -1.68 -16.13 31.72
CA TRP D 12 -0.54 -16.22 30.81
C TRP D 12 0.61 -15.31 31.23
N PRO D 13 1.04 -15.39 32.49
CA PRO D 13 2.15 -14.55 32.99
C PRO D 13 3.48 -14.81 32.29
N TRP D 14 3.48 -15.74 31.32
CA TRP D 14 4.69 -16.10 30.59
C TRP D 14 4.72 -15.60 29.15
N GLN D 15 3.59 -15.08 28.67
CA GLN D 15 3.50 -14.56 27.32
C GLN D 15 4.53 -13.46 27.19
N VAL D 16 5.20 -13.41 26.05
CA VAL D 16 6.23 -12.43 25.81
C VAL D 16 6.06 -11.85 24.41
N SER D 17 6.63 -10.66 24.18
CA SER D 17 6.56 -10.02 22.86
C SER D 17 7.96 -9.74 22.30
N LEU D 18 8.22 -10.19 21.07
CA LEU D 18 9.53 -9.96 20.45
C LEU D 18 9.57 -8.66 19.66
N ARG D 19 10.53 -7.80 19.98
CA ARG D 19 10.65 -6.51 19.32
C ARG D 19 11.85 -6.37 18.41
N VAL D 20 11.63 -5.74 17.27
CA VAL D 20 12.68 -5.51 16.28
C VAL D 20 12.83 -4.00 16.09
N HIS D 21 14.07 -3.54 16.02
CA HIS D 21 14.37 -2.12 15.88
C HIS D 21 13.98 -1.45 14.56
N GLY D 22 13.45 -0.25 14.67
CA GLY D 22 13.02 0.53 13.52
C GLY D 22 12.52 1.88 14.02
N PRO D 23 11.51 2.46 13.36
CA PRO D 23 10.99 3.76 13.82
C PRO D 23 10.64 3.65 15.31
N TYR D 24 10.31 2.43 15.71
CA TYR D 24 9.99 2.11 17.10
C TYR D 24 10.16 0.59 17.27
N TRP D 25 10.30 0.11 18.50
CA TRP D 25 10.47 -1.32 18.70
C TRP D 25 9.17 -2.06 18.47
N MET D 26 8.95 -2.41 17.21
CA MET D 26 7.75 -3.08 16.79
C MET D 26 7.70 -4.58 17.07
N HIS D 27 6.51 -5.07 17.41
CA HIS D 27 6.25 -6.49 17.67
C HIS D 27 6.25 -7.25 16.34
N PHE D 28 6.92 -8.39 16.29
CA PHE D 28 6.92 -9.19 15.08
C PHE D 28 6.62 -10.65 15.36
N CYS D 29 6.70 -11.03 16.63
CA CYS D 29 6.45 -12.41 17.03
C CYS D 29 6.23 -12.52 18.54
N GLY D 30 5.72 -13.66 18.96
CA GLY D 30 5.51 -13.90 20.37
C GLY D 30 6.55 -14.87 20.88
N GLY D 31 6.38 -15.28 22.13
CA GLY D 31 7.29 -16.21 22.74
C GLY D 31 6.78 -16.55 24.12
N SER D 32 7.53 -17.37 24.86
CA SER D 32 7.11 -17.76 26.21
C SER D 32 8.33 -17.82 27.10
N LEU D 33 8.13 -17.53 28.38
CA LEU D 33 9.22 -17.56 29.34
C LEU D 33 9.27 -18.95 29.98
N ILE D 34 10.26 -19.74 29.60
CA ILE D 34 10.38 -21.10 30.14
C ILE D 34 11.41 -21.25 31.25
N HIS D 35 12.15 -20.18 31.51
CA HIS D 35 13.18 -20.14 32.55
C HIS D 35 13.49 -18.67 32.76
N PRO D 36 13.75 -18.26 34.02
CA PRO D 36 14.06 -16.87 34.32
C PRO D 36 14.94 -16.16 33.30
N GLN D 37 15.71 -16.90 32.53
CA GLN D 37 16.58 -16.26 31.55
C GLN D 37 16.42 -16.74 30.11
N TRP D 38 15.43 -17.59 29.87
CA TRP D 38 15.23 -18.11 28.52
C TRP D 38 13.83 -17.98 27.97
N VAL D 39 13.78 -17.66 26.68
CA VAL D 39 12.52 -17.52 25.97
C VAL D 39 12.47 -18.51 24.84
N LEU D 40 11.37 -19.25 24.79
CA LEU D 40 11.13 -20.23 23.73
C LEU D 40 10.34 -19.52 22.63
N THR D 41 10.69 -19.77 21.38
CA THR D 41 9.98 -19.14 20.27
C THR D 41 10.14 -19.93 18.98
N ALA D 42 9.70 -19.36 17.86
CA ALA D 42 9.83 -20.06 16.58
C ALA D 42 11.07 -19.57 15.85
N ALA D 43 11.77 -20.50 15.21
CA ALA D 43 12.98 -20.16 14.47
C ALA D 43 12.70 -19.26 13.27
N HIS D 44 11.57 -19.47 12.60
CA HIS D 44 11.25 -18.62 11.46
C HIS D 44 11.03 -17.17 11.88
N CYS D 45 11.01 -16.91 13.19
CA CYS D 45 10.84 -15.55 13.68
C CYS D 45 12.19 -14.84 13.70
N VAL D 46 13.28 -15.60 13.84
CA VAL D 46 14.62 -15.00 13.87
C VAL D 46 15.64 -15.64 12.93
N GLY D 47 15.17 -16.38 11.92
CA GLY D 47 16.08 -17.02 10.98
C GLY D 47 15.33 -17.47 9.73
N PRO D 48 15.90 -18.38 8.93
CA PRO D 48 17.20 -19.05 9.07
C PRO D 48 18.46 -18.17 9.05
N ASP D 49 18.41 -17.01 8.42
CA ASP D 49 19.60 -16.18 8.36
C ASP D 49 19.92 -15.52 9.68
N VAL D 50 21.21 -15.36 9.96
CA VAL D 50 21.67 -14.76 11.19
C VAL D 50 21.23 -13.32 11.36
N LYS D 51 20.78 -12.99 12.57
CA LYS D 51 20.32 -11.63 12.89
C LYS D 51 21.30 -10.90 13.80
N ASP D 52 21.13 -9.59 13.90
CA ASP D 52 21.97 -8.76 14.75
C ASP D 52 21.21 -8.62 16.08
N LEU D 53 21.85 -8.96 17.19
CA LEU D 53 21.18 -8.88 18.50
C LEU D 53 20.79 -7.47 18.94
N ALA D 54 21.65 -6.49 18.64
CA ALA D 54 21.39 -5.10 19.01
C ALA D 54 20.05 -4.60 18.47
N ALA D 55 19.50 -5.31 17.49
CA ALA D 55 18.24 -4.94 16.88
C ALA D 55 17.07 -5.71 17.48
N LEU D 56 17.35 -6.56 18.46
CA LEU D 56 16.29 -7.35 19.07
C LEU D 56 16.07 -7.03 20.54
N ARG D 57 14.83 -7.14 21.00
CA ARG D 57 14.50 -6.89 22.40
C ARG D 57 13.38 -7.84 22.81
N VAL D 58 13.12 -7.90 24.12
CA VAL D 58 12.06 -8.75 24.66
C VAL D 58 11.20 -7.94 25.63
N GLN D 59 9.89 -8.07 25.47
CA GLN D 59 8.91 -7.38 26.31
C GLN D 59 8.12 -8.45 27.01
N LEU D 60 7.99 -8.36 28.34
CA LEU D 60 7.24 -9.37 29.08
C LEU D 60 5.76 -9.02 29.22
N ARG D 61 5.00 -9.97 29.77
CA ARG D 61 3.56 -9.82 29.96
C ARG D 61 3.11 -8.37 29.94
N GLU D 62 2.32 -8.03 28.94
CA GLU D 62 1.78 -6.68 28.79
C GLU D 62 0.30 -6.80 28.46
N GLN D 63 -0.55 -6.08 29.18
CA GLN D 63 -1.98 -6.12 28.90
C GLN D 63 -2.23 -5.51 27.51
N HIS D 64 -1.58 -4.38 27.25
CA HIS D 64 -1.70 -3.71 25.96
C HIS D 64 -0.29 -3.41 25.42
N LEU D 65 0.03 -3.94 24.23
CA LEU D 65 1.34 -3.72 23.63
C LEU D 65 1.69 -2.25 23.53
N TYR D 66 2.96 -1.94 23.79
CA TYR D 66 3.49 -0.58 23.71
C TYR D 66 3.19 0.37 24.88
N TYR D 67 2.15 0.09 25.65
CA TYR D 67 1.82 0.97 26.77
C TYR D 67 2.91 1.09 27.83
N GLN D 68 3.08 0.05 28.64
CA GLN D 68 4.08 0.07 29.70
C GLN D 68 5.31 -0.71 29.29
N ASP D 69 5.94 -0.27 28.19
CA ASP D 69 7.12 -0.91 27.64
C ASP D 69 8.35 -0.85 28.53
N GLN D 70 9.03 -1.99 28.66
CA GLN D 70 10.27 -2.10 29.42
C GLN D 70 11.13 -3.16 28.74
N LEU D 71 11.59 -2.82 27.54
CA LEU D 71 12.39 -3.72 26.73
C LEU D 71 13.58 -4.34 27.43
N LEU D 72 13.85 -5.61 27.10
CA LEU D 72 14.97 -6.34 27.68
C LEU D 72 15.87 -6.78 26.54
N PRO D 73 17.18 -6.55 26.67
CA PRO D 73 18.13 -6.94 25.63
C PRO D 73 18.32 -8.46 25.60
N VAL D 74 18.73 -8.99 24.45
CA VAL D 74 18.95 -10.43 24.30
C VAL D 74 20.44 -10.73 24.12
N SER D 75 20.98 -11.58 24.98
CA SER D 75 22.40 -11.94 24.92
C SER D 75 22.71 -12.97 23.84
N ARG D 76 21.76 -13.82 23.49
CA ARG D 76 22.00 -14.83 22.47
C ARG D 76 20.75 -15.41 21.81
N ILE D 77 20.88 -15.72 20.52
CA ILE D 77 19.81 -16.31 19.72
C ILE D 77 20.24 -17.69 19.24
N ILE D 78 19.62 -18.73 19.79
CA ILE D 78 19.95 -20.11 19.41
C ILE D 78 18.85 -20.71 18.53
N VAL D 79 19.16 -20.87 17.24
CA VAL D 79 18.20 -21.44 16.31
C VAL D 79 18.56 -22.88 15.99
N HIS D 80 17.59 -23.76 16.15
CA HIS D 80 17.81 -25.18 15.88
C HIS D 80 18.46 -25.32 14.51
N PRO D 81 19.57 -26.06 14.43
CA PRO D 81 20.32 -26.30 13.19
C PRO D 81 19.58 -27.03 12.06
N GLN D 82 18.55 -27.80 12.40
CA GLN D 82 17.82 -28.51 11.36
C GLN D 82 16.74 -27.66 10.70
N PHE D 83 16.62 -26.42 11.15
CA PHE D 83 15.63 -25.50 10.60
C PHE D 83 16.05 -24.72 9.36
N TYR D 84 15.16 -24.68 8.37
CA TYR D 84 15.36 -23.90 7.16
C TYR D 84 14.02 -23.21 6.85
N THR D 85 12.91 -23.95 6.92
CA THR D 85 11.57 -23.39 6.69
C THR D 85 10.56 -24.09 7.60
N ALA D 86 9.48 -23.38 7.94
CA ALA D 86 8.43 -23.91 8.82
C ALA D 86 7.75 -25.18 8.29
N GLN D 87 7.53 -25.26 6.98
CA GLN D 87 6.87 -26.42 6.38
C GLN D 87 7.73 -27.68 6.46
N ILE D 88 9.03 -27.49 6.63
CA ILE D 88 9.95 -28.61 6.70
C ILE D 88 10.06 -29.09 8.13
N GLY D 89 10.15 -28.16 9.08
CA GLY D 89 10.22 -28.53 10.49
C GLY D 89 11.30 -27.90 11.35
N ALA D 90 11.41 -28.40 12.57
CA ALA D 90 12.37 -27.89 13.53
C ALA D 90 12.23 -26.36 13.66
N ASP D 91 10.99 -25.88 13.74
CA ASP D 91 10.70 -24.43 13.85
C ASP D 91 10.63 -24.00 15.32
N ILE D 92 11.77 -24.10 16.00
CA ILE D 92 11.86 -23.77 17.40
C ILE D 92 13.21 -23.13 17.62
N ALA D 93 13.28 -22.21 18.58
CA ALA D 93 14.53 -21.50 18.88
C ALA D 93 14.50 -20.98 20.30
N LEU D 94 15.65 -20.50 20.77
CA LEU D 94 15.76 -20.00 22.11
C LEU D 94 16.41 -18.62 22.18
N LEU D 95 15.90 -17.79 23.08
CA LEU D 95 16.44 -16.46 23.31
C LEU D 95 16.98 -16.42 24.74
N GLU D 96 18.24 -16.04 24.89
CA GLU D 96 18.83 -15.95 26.21
C GLU D 96 18.90 -14.50 26.61
N LEU D 97 18.20 -14.16 27.68
CA LEU D 97 18.15 -12.76 28.14
C LEU D 97 19.46 -12.42 28.84
N GLU D 98 19.84 -11.14 28.80
CA GLU D 98 21.08 -10.70 29.43
C GLU D 98 20.99 -10.75 30.95
N GLU D 99 19.77 -10.85 31.46
CA GLU D 99 19.57 -10.90 32.90
C GLU D 99 18.40 -11.80 33.21
N PRO D 100 18.41 -12.42 34.40
CA PRO D 100 17.31 -13.30 34.79
C PRO D 100 16.18 -12.40 35.24
N VAL D 101 14.96 -12.65 34.78
CA VAL D 101 13.85 -11.81 35.20
C VAL D 101 13.39 -12.28 36.59
N LYS D 102 12.90 -11.33 37.38
CA LYS D 102 12.42 -11.61 38.74
C LYS D 102 10.98 -12.09 38.70
N VAL D 103 10.78 -13.41 38.74
CA VAL D 103 9.44 -13.97 38.71
C VAL D 103 8.50 -13.32 39.73
N SER D 104 7.21 -13.53 39.53
CA SER D 104 6.19 -12.98 40.41
C SER D 104 4.85 -13.61 40.04
N SER D 105 3.81 -13.23 40.77
CA SER D 105 2.47 -13.74 40.52
C SER D 105 2.01 -13.29 39.14
N HIS D 106 2.53 -12.14 38.70
CA HIS D 106 2.15 -11.57 37.41
C HIS D 106 3.12 -11.87 36.26
N VAL D 107 4.32 -12.35 36.60
CA VAL D 107 5.30 -12.67 35.57
C VAL D 107 6.22 -13.81 35.95
N HIS D 108 5.88 -15.02 35.52
CA HIS D 108 6.70 -16.19 35.78
C HIS D 108 6.67 -17.14 34.57
N THR D 109 7.54 -18.13 34.60
CA THR D 109 7.68 -19.11 33.52
C THR D 109 6.52 -20.07 33.40
N VAL D 110 6.38 -20.68 32.22
CA VAL D 110 5.35 -21.68 31.98
C VAL D 110 6.15 -22.98 32.11
N THR D 111 5.46 -24.10 32.27
CA THR D 111 6.16 -25.37 32.41
C THR D 111 6.19 -26.21 31.13
N LEU D 112 7.31 -26.89 30.93
CA LEU D 112 7.49 -27.74 29.76
C LEU D 112 6.86 -29.11 30.05
N PRO D 113 6.30 -29.74 29.02
CA PRO D 113 5.69 -31.04 29.30
C PRO D 113 6.74 -32.12 29.43
N PRO D 114 6.45 -33.18 30.19
CA PRO D 114 7.40 -34.27 30.36
C PRO D 114 7.58 -35.00 29.03
N ALA D 115 8.77 -35.51 28.78
CA ALA D 115 9.07 -36.21 27.53
C ALA D 115 8.03 -37.26 27.14
N SER D 116 7.43 -37.91 28.12
CA SER D 116 6.44 -38.93 27.84
C SER D 116 5.02 -38.39 27.69
N GLU D 117 4.85 -37.10 27.93
CA GLU D 117 3.51 -36.49 27.84
C GLU D 117 2.94 -36.47 26.42
N THR D 118 1.67 -36.85 26.32
CA THR D 118 0.95 -36.89 25.04
C THR D 118 -0.41 -36.20 25.18
N PHE D 119 -0.52 -35.01 24.61
CA PHE D 119 -1.76 -34.26 24.67
C PHE D 119 -2.75 -34.92 23.73
N PRO D 120 -3.74 -35.62 24.30
CA PRO D 120 -4.78 -36.33 23.54
C PRO D 120 -5.59 -35.47 22.59
N PRO D 121 -5.86 -35.97 21.39
CA PRO D 121 -6.65 -35.17 20.45
C PRO D 121 -8.02 -34.84 21.04
N GLY D 122 -8.32 -33.55 21.12
CA GLY D 122 -9.58 -33.09 21.69
C GLY D 122 -9.30 -32.32 22.96
N MET D 123 -8.03 -32.35 23.37
CA MET D 123 -7.56 -31.66 24.57
C MET D 123 -7.90 -30.18 24.56
N PRO D 124 -8.41 -29.65 25.68
CA PRO D 124 -8.76 -28.23 25.78
C PRO D 124 -7.48 -27.40 25.97
N CYS D 125 -7.04 -26.73 24.92
CA CYS D 125 -5.83 -25.92 25.01
C CYS D 125 -6.09 -24.46 24.65
N TRP D 126 -5.15 -23.60 25.02
CA TRP D 126 -5.25 -22.17 24.75
C TRP D 126 -4.03 -21.60 24.04
N VAL D 127 -4.29 -20.71 23.08
CA VAL D 127 -3.19 -20.07 22.37
C VAL D 127 -3.36 -18.56 22.61
N THR D 128 -2.26 -17.89 22.93
CA THR D 128 -2.27 -16.46 23.23
C THR D 128 -1.37 -15.63 22.33
N GLY D 129 -1.70 -14.36 22.17
CA GLY D 129 -0.88 -13.50 21.35
C GLY D 129 -1.52 -12.20 20.91
N TRP D 130 -0.73 -11.39 20.21
CA TRP D 130 -1.15 -10.09 19.69
C TRP D 130 -1.25 -10.11 18.18
N GLY D 131 -1.37 -11.30 17.61
CA GLY D 131 -1.47 -11.42 16.17
C GLY D 131 -2.80 -10.94 15.62
N ASP D 132 -2.93 -10.99 14.30
CA ASP D 132 -4.13 -10.59 13.59
C ASP D 132 -5.39 -11.27 14.12
N VAL D 133 -6.49 -10.51 14.14
CA VAL D 133 -7.76 -11.04 14.60
C VAL D 133 -8.43 -11.80 13.45
N ASP D 134 -7.78 -11.80 12.29
CA ASP D 134 -8.27 -12.52 11.12
C ASP D 134 -7.36 -12.29 9.92
N ASN D 135 -7.58 -13.06 8.86
CA ASN D 135 -6.79 -12.96 7.65
C ASN D 135 -6.57 -11.53 7.18
N ASP D 136 -5.32 -11.08 7.24
CA ASP D 136 -4.97 -9.74 6.80
C ASP D 136 -5.55 -8.58 7.59
N GLU D 137 -6.09 -8.83 8.79
CA GLU D 137 -6.61 -7.71 9.56
C GLU D 137 -6.01 -7.63 10.96
N ARG D 138 -5.15 -6.63 11.13
CA ARG D 138 -4.44 -6.38 12.38
C ARG D 138 -5.29 -6.26 13.65
N LEU D 139 -4.62 -6.42 14.78
CA LEU D 139 -5.23 -6.28 16.08
C LEU D 139 -5.28 -4.78 16.31
N PRO D 140 -6.48 -4.21 16.45
CA PRO D 140 -6.61 -2.76 16.66
C PRO D 140 -5.99 -2.23 17.95
N PRO D 141 -5.71 -0.92 17.99
CA PRO D 141 -5.14 -0.34 19.21
C PRO D 141 -6.32 -0.41 20.19
N PRO D 142 -6.07 -0.42 21.51
CA PRO D 142 -4.81 -0.38 22.25
C PRO D 142 -4.00 -1.67 22.26
N PHE D 143 -4.32 -2.61 21.36
CA PHE D 143 -3.57 -3.86 21.25
C PHE D 143 -3.65 -4.80 22.45
N PRO D 144 -4.87 -5.22 22.84
CA PRO D 144 -4.96 -6.13 23.98
C PRO D 144 -4.39 -7.50 23.65
N LEU D 145 -3.94 -8.20 24.67
CA LEU D 145 -3.41 -9.54 24.50
C LEU D 145 -4.63 -10.46 24.40
N LYS D 146 -4.82 -11.11 23.26
CA LYS D 146 -5.96 -12.00 23.07
C LYS D 146 -5.64 -13.45 23.41
N GLN D 147 -6.69 -14.27 23.49
CA GLN D 147 -6.60 -15.67 23.83
C GLN D 147 -7.78 -16.36 23.18
N VAL D 148 -7.65 -17.66 22.92
CA VAL D 148 -8.74 -18.42 22.34
C VAL D 148 -8.59 -19.91 22.66
N LYS D 149 -9.71 -20.56 22.90
CA LYS D 149 -9.67 -21.99 23.20
C LYS D 149 -9.66 -22.78 21.90
N VAL D 150 -8.56 -23.47 21.62
CA VAL D 150 -8.45 -24.28 20.42
C VAL D 150 -8.28 -25.76 20.77
N PRO D 151 -9.10 -26.63 20.14
CA PRO D 151 -9.03 -28.07 20.41
C PRO D 151 -7.90 -28.73 19.62
N ILE D 152 -7.05 -29.48 20.31
CA ILE D 152 -5.96 -30.20 19.69
C ILE D 152 -6.54 -31.25 18.74
N MET D 153 -5.81 -31.60 17.68
CA MET D 153 -6.28 -32.61 16.76
C MET D 153 -5.17 -33.59 16.39
N GLU D 154 -5.54 -34.84 16.14
CA GLU D 154 -4.56 -35.88 15.81
C GLU D 154 -3.67 -35.49 14.63
N ASN D 155 -2.36 -35.68 14.78
CA ASN D 155 -1.42 -35.33 13.73
C ASN D 155 -1.83 -35.87 12.36
N HIS D 156 -2.26 -37.13 12.30
CA HIS D 156 -2.68 -37.75 11.05
C HIS D 156 -3.96 -37.12 10.51
N ILE D 157 -4.95 -36.91 11.38
CA ILE D 157 -6.21 -36.33 10.95
C ILE D 157 -6.00 -34.93 10.34
N CYS D 158 -4.94 -34.24 10.77
CA CYS D 158 -4.62 -32.92 10.23
C CYS D 158 -3.94 -32.98 8.89
N ASP D 159 -2.99 -33.91 8.78
CA ASP D 159 -2.24 -34.14 7.56
C ASP D 159 -3.28 -34.40 6.49
N ALA D 160 -4.23 -35.26 6.81
CA ALA D 160 -5.30 -35.61 5.89
C ALA D 160 -6.08 -34.37 5.50
N LYS D 161 -6.49 -33.59 6.49
CA LYS D 161 -7.25 -32.37 6.22
C LYS D 161 -6.53 -31.48 5.21
N TYR D 162 -5.22 -31.33 5.37
CA TYR D 162 -4.43 -30.49 4.48
C TYR D 162 -4.30 -31.02 3.06
N HIS D 163 -4.67 -32.27 2.82
CA HIS D 163 -4.58 -32.84 1.48
C HIS D 163 -5.86 -32.61 0.70
N LEU D 164 -6.92 -32.27 1.43
CA LEU D 164 -8.21 -32.02 0.81
C LEU D 164 -8.12 -30.72 0.03
N GLY D 165 -8.45 -30.78 -1.25
CA GLY D 165 -8.39 -29.59 -2.08
C GLY D 165 -6.96 -29.28 -2.42
N ALA D 166 -6.12 -30.31 -2.38
CA ALA D 166 -4.71 -30.14 -2.68
C ALA D 166 -4.24 -31.22 -3.64
N TYR D 167 -3.31 -30.86 -4.53
CA TYR D 167 -2.75 -31.79 -5.51
C TYR D 167 -1.72 -32.72 -4.87
N THR D 168 -1.23 -32.34 -3.69
CA THR D 168 -0.23 -33.16 -3.01
C THR D 168 -0.76 -34.58 -2.80
N GLY D 169 0.06 -35.56 -3.15
CA GLY D 169 -0.34 -36.94 -3.01
C GLY D 169 -0.66 -37.31 -1.57
N ASP D 170 -1.62 -38.20 -1.38
CA ASP D 170 -2.04 -38.64 -0.06
C ASP D 170 -0.96 -39.23 0.86
N ASP D 171 -0.03 -39.99 0.29
CA ASP D 171 1.02 -40.59 1.11
C ASP D 171 2.24 -39.68 1.31
N VAL D 172 2.09 -38.41 0.96
CA VAL D 172 3.17 -37.42 1.10
C VAL D 172 2.90 -36.47 2.27
N ARG D 173 3.73 -36.54 3.30
CA ARG D 173 3.57 -35.72 4.51
C ARG D 173 3.60 -34.20 4.37
N ILE D 174 2.56 -33.55 4.87
CA ILE D 174 2.48 -32.09 4.86
C ILE D 174 2.65 -31.70 6.33
N VAL D 175 1.84 -32.31 7.20
CA VAL D 175 1.93 -32.06 8.63
C VAL D 175 2.82 -33.19 9.08
N ARG D 176 4.02 -32.85 9.52
CA ARG D 176 5.03 -33.82 9.92
C ARG D 176 5.01 -34.20 11.39
N ASP D 177 5.83 -35.18 11.76
CA ASP D 177 5.86 -35.67 13.14
C ASP D 177 6.37 -34.72 14.24
N ASP D 178 7.19 -33.75 13.90
CA ASP D 178 7.68 -32.81 14.90
C ASP D 178 6.69 -31.64 15.06
N MET D 179 5.51 -31.79 14.45
CA MET D 179 4.49 -30.75 14.53
C MET D 179 3.24 -31.30 15.19
N LEU D 180 2.31 -30.41 15.53
CA LEU D 180 1.04 -30.82 16.13
C LEU D 180 0.08 -29.73 15.71
N CYS D 181 -1.22 -30.04 15.70
CA CYS D 181 -2.18 -29.05 15.24
C CYS D 181 -3.38 -28.84 16.14
N ALA D 182 -4.02 -27.69 15.99
CA ALA D 182 -5.17 -27.31 16.79
C ALA D 182 -5.96 -26.18 16.15
N GLY D 183 -7.23 -26.05 16.52
CA GLY D 183 -8.05 -24.99 15.98
C GLY D 183 -8.98 -25.39 14.86
N ASN D 184 -9.94 -24.52 14.55
CA ASN D 184 -10.90 -24.76 13.49
C ASN D 184 -11.19 -23.47 12.71
N THR D 185 -12.31 -23.44 12.00
CA THR D 185 -12.72 -22.29 11.19
C THR D 185 -13.20 -21.08 11.99
N ARG D 186 -13.17 -21.19 13.32
CA ARG D 186 -13.61 -20.09 14.15
C ARG D 186 -12.57 -19.74 15.21
N ARG D 187 -11.70 -20.69 15.51
CA ARG D 187 -10.67 -20.48 16.52
C ARG D 187 -9.30 -20.83 15.94
N ASP D 188 -8.39 -19.87 15.97
CA ASP D 188 -7.04 -20.08 15.45
C ASP D 188 -6.08 -18.93 15.78
N SER D 189 -4.79 -19.16 15.59
CA SER D 189 -3.79 -18.13 15.82
C SER D 189 -3.50 -17.55 14.44
N CYS D 190 -2.97 -16.33 14.37
CA CYS D 190 -2.73 -15.71 13.07
C CYS D 190 -1.42 -14.91 13.01
N GLN D 191 -1.10 -14.35 11.85
CA GLN D 191 0.13 -13.56 11.68
C GLN D 191 0.37 -12.62 12.85
N GLY D 192 1.51 -12.79 13.52
CA GLY D 192 1.85 -11.97 14.66
C GLY D 192 1.86 -12.80 15.94
N ASP D 193 1.24 -13.97 15.89
CA ASP D 193 1.19 -14.87 17.03
C ASP D 193 2.35 -15.85 16.98
N SER D 194 3.03 -15.90 15.84
CA SER D 194 4.17 -16.81 15.64
C SER D 194 5.14 -16.75 16.81
N GLY D 195 5.66 -17.92 17.19
CA GLY D 195 6.60 -17.99 18.29
C GLY D 195 5.89 -18.05 19.63
N GLY D 196 4.60 -17.71 19.64
CA GLY D 196 3.81 -17.73 20.86
C GLY D 196 3.51 -19.12 21.39
N PRO D 197 2.97 -19.24 22.61
CA PRO D 197 2.66 -20.53 23.21
C PRO D 197 1.26 -21.10 23.03
N LEU D 198 1.19 -22.43 23.11
CA LEU D 198 -0.05 -23.20 23.04
C LEU D 198 0.02 -24.03 24.33
N VAL D 199 -0.74 -23.62 25.33
CA VAL D 199 -0.73 -24.30 26.61
C VAL D 199 -2.00 -25.12 26.85
N CYS D 200 -1.87 -26.20 27.63
CA CYS D 200 -3.01 -27.02 27.99
C CYS D 200 -2.88 -27.32 29.49
N LYS D 201 -3.99 -27.28 30.22
CA LYS D 201 -3.95 -27.55 31.65
C LYS D 201 -4.06 -29.06 31.84
N VAL D 202 -2.99 -29.65 32.36
CA VAL D 202 -2.96 -31.10 32.56
C VAL D 202 -2.79 -31.44 34.03
N ASN D 203 -3.78 -32.11 34.61
CA ASN D 203 -3.71 -32.49 36.01
C ASN D 203 -3.36 -31.25 36.86
N GLY D 204 -4.17 -30.21 36.71
CA GLY D 204 -3.97 -28.97 37.46
C GLY D 204 -2.63 -28.27 37.34
N THR D 205 -2.15 -28.09 36.10
CA THR D 205 -0.88 -27.39 35.86
C THR D 205 -0.77 -27.12 34.36
N TRP D 206 -0.24 -25.94 34.02
CA TRP D 206 -0.10 -25.53 32.62
C TRP D 206 1.17 -25.98 31.92
N LEU D 207 1.00 -26.71 30.83
CA LEU D 207 2.13 -27.20 30.05
C LEU D 207 2.12 -26.65 28.61
N GLN D 208 3.26 -26.17 28.15
CA GLN D 208 3.35 -25.65 26.79
C GLN D 208 3.52 -26.84 25.86
N ALA D 209 2.48 -27.14 25.09
CA ALA D 209 2.51 -28.26 24.16
C ALA D 209 2.98 -27.86 22.75
N GLY D 210 2.81 -26.58 22.42
CA GLY D 210 3.24 -26.12 21.11
C GLY D 210 3.77 -24.69 21.05
N VAL D 211 4.34 -24.37 19.89
CA VAL D 211 4.86 -23.05 19.59
C VAL D 211 4.19 -22.67 18.27
N VAL D 212 3.46 -21.56 18.25
CA VAL D 212 2.78 -21.10 17.04
C VAL D 212 3.77 -21.10 15.87
N SER D 213 3.48 -21.92 14.85
CA SER D 213 4.37 -22.08 13.69
C SER D 213 3.84 -21.60 12.33
N TRP D 214 2.95 -22.38 11.71
CA TRP D 214 2.42 -21.99 10.39
C TRP D 214 1.05 -22.55 10.07
N GLY D 215 0.62 -22.32 8.83
CA GLY D 215 -0.67 -22.81 8.38
C GLY D 215 -1.10 -22.03 7.15
N GLU D 216 -2.06 -22.56 6.40
CA GLU D 216 -2.55 -21.86 5.22
C GLU D 216 -3.64 -20.90 5.69
N GLY D 217 -3.32 -19.61 5.72
CA GLY D 217 -4.26 -18.63 6.19
C GLY D 217 -4.57 -18.83 7.67
N CYS D 218 -5.65 -18.22 8.13
CA CYS D 218 -6.07 -18.32 9.51
C CYS D 218 -7.54 -18.73 9.56
N ALA D 219 -7.85 -19.74 10.35
CA ALA D 219 -9.22 -20.25 10.50
C ALA D 219 -9.85 -20.72 9.20
N GLN D 220 -9.02 -21.05 8.20
CA GLN D 220 -9.53 -21.52 6.90
C GLN D 220 -10.02 -22.97 6.93
N PRO D 221 -11.03 -23.30 6.11
CA PRO D 221 -11.62 -24.63 6.01
C PRO D 221 -10.60 -25.71 5.70
N ASN D 222 -10.49 -26.69 6.60
CA ASN D 222 -9.56 -27.80 6.44
C ASN D 222 -8.12 -27.34 6.43
N ARG D 223 -7.84 -26.29 7.20
CA ARG D 223 -6.49 -25.77 7.30
C ARG D 223 -6.28 -25.31 8.73
N PRO D 224 -6.15 -26.27 9.66
CA PRO D 224 -5.93 -25.96 11.07
C PRO D 224 -4.51 -25.48 11.38
N GLY D 225 -4.35 -24.83 12.52
CA GLY D 225 -3.06 -24.32 12.90
C GLY D 225 -2.02 -25.41 13.16
N ILE D 226 -0.83 -25.21 12.65
CA ILE D 226 0.24 -26.16 12.85
C ILE D 226 1.22 -25.54 13.85
N TYR D 227 1.65 -26.33 14.84
CA TYR D 227 2.59 -25.85 15.85
C TYR D 227 3.76 -26.81 16.01
N THR D 228 4.90 -26.30 16.46
CA THR D 228 6.07 -27.13 16.66
C THR D 228 5.76 -27.92 17.93
N ARG D 229 5.87 -29.24 17.89
CA ARG D 229 5.58 -30.05 19.08
C ARG D 229 6.74 -29.86 20.06
N VAL D 230 6.46 -29.40 21.27
CA VAL D 230 7.55 -29.16 22.21
C VAL D 230 8.25 -30.45 22.68
N THR D 231 7.47 -31.42 23.16
CA THR D 231 8.02 -32.70 23.62
C THR D 231 9.09 -33.24 22.69
N TYR D 232 8.87 -33.08 21.38
CA TYR D 232 9.79 -33.56 20.37
C TYR D 232 11.19 -32.96 20.45
N TYR D 233 11.31 -31.75 21.00
CA TYR D 233 12.60 -31.11 21.09
C TYR D 233 13.04 -30.84 22.51
N LEU D 234 12.50 -31.62 23.44
CA LEU D 234 12.85 -31.48 24.85
C LEU D 234 14.36 -31.63 25.05
N ASP D 235 14.95 -32.64 24.43
CA ASP D 235 16.39 -32.87 24.58
C ASP D 235 17.24 -31.69 24.10
N TRP D 236 16.81 -31.06 23.00
CA TRP D 236 17.53 -29.93 22.44
C TRP D 236 17.45 -28.69 23.34
N ILE D 237 16.29 -28.48 23.96
CA ILE D 237 16.11 -27.34 24.85
C ILE D 237 16.90 -27.53 26.12
N HIS D 238 16.77 -28.71 26.73
CA HIS D 238 17.48 -29.01 27.97
C HIS D 238 18.99 -29.01 27.83
N HIS D 239 19.45 -28.97 26.58
CA HIS D 239 20.88 -28.95 26.27
C HIS D 239 21.38 -27.52 26.56
N TYR D 240 20.42 -26.59 26.67
CA TYR D 240 20.72 -25.19 26.92
C TYR D 240 20.02 -24.65 28.17
N VAL D 241 18.76 -25.03 28.34
CA VAL D 241 17.94 -24.58 29.45
C VAL D 241 17.87 -25.55 30.63
N PRO D 242 18.41 -25.14 31.79
CA PRO D 242 18.46 -25.88 33.06
C PRO D 242 17.13 -26.47 33.54
N LYS D 243 17.17 -27.13 34.71
CA LYS D 243 15.99 -27.74 35.31
C LYS D 243 15.74 -27.22 36.73
C2 C3A E . 8.22 -19.38 -2.93
C5 C3A E . 8.89 -17.09 -5.69
C1 C3A E . 9.32 -20.05 -2.59
C3 C3A E . 8.22 -18.07 -3.65
O4 C3A E . 8.86 -18.23 -4.96
O6 C3A E . 8.43 -15.99 -5.33
C8 C3A E . 9.59 -16.27 -7.96
C9 C3A E . 10.99 -16.31 -8.65
N7 C3A E . 9.46 -17.32 -6.92
C10 C3A E . 12.15 -16.03 -7.68
C11 C3A E . 13.52 -16.04 -8.37
C12 C3A E . 13.97 -17.38 -8.95
C13 C3A E . 15.49 -17.25 -9.07
N14 C3A E . 15.83 -16.02 -8.28
C15 C3A E . 14.65 -15.74 -7.42
C16 C3A E . 8.38 -16.47 -8.99
O17 C3A E . 8.51 -15.64 -10.04
C18 C3A E . 7.08 -16.17 -8.28
N19 C3A E . 6.44 -14.98 -8.30
O20 C3A E . 5.32 -15.21 -7.47
C21 C3A E . 5.41 -16.52 -7.05
C22 C3A E . 4.34 -17.03 -6.16
C23 C3A E . 2.95 -16.97 -6.73
C24 C3A E . 2.22 -15.74 -6.75
C25 C3A E . 0.91 -15.69 -7.28
C26 C3A E . 0.28 -16.86 -7.81
C27 C3A E . 1.00 -18.10 -7.80
C28 C3A E . 2.32 -18.14 -7.26
C29 C3A E . -1.09 -16.77 -8.33
O30 C3A E . -1.72 -15.74 -8.17
N31 C3A E . -1.58 -17.88 -9.01
C32 C3A E . -2.90 -17.99 -9.60
C33 C3A E . -3.05 -19.22 -10.52
C34 C3A E . -4.53 -19.40 -10.53
C35 C3A E . -5.34 -20.09 -11.47
C36 C3A E . -6.74 -20.12 -11.27
C37 C3A E . -7.32 -19.47 -10.13
C38 C3A E . -6.50 -18.77 -9.20
C39 C3A E . -5.11 -18.74 -9.41
C40 C3A E . -4.05 -18.08 -8.58
N41 C3A E . 6.46 -17.14 -7.52
C2 C3A F . -7.73 19.03 -7.33
C5 C3A F . -7.89 16.04 -9.46
C1 C3A F . -7.87 19.52 -6.10
C3 C3A F . -7.56 17.56 -7.66
O4 C3A F . -8.01 17.34 -9.01
O6 C3A F . -7.45 15.07 -8.80
C8 C3A F . -8.34 14.72 -11.58
C9 C3A F . -9.63 14.62 -12.43
N7 C3A F . -8.34 15.96 -10.76
C10 C3A F . -10.92 14.57 -11.61
C11 C3A F . -12.16 14.46 -12.51
C12 C3A F . -12.43 15.68 -13.41
C13 C3A F . -13.94 15.66 -13.64
N14 C3A F . -14.47 14.60 -12.72
C15 C3A F . -13.42 14.36 -11.70
C16 C3A F . -7.02 14.72 -12.52
O17 C3A F . -7.13 13.71 -13.41
C18 C3A F . -5.76 14.49 -11.67
N19 C3A F . -5.08 13.33 -11.58
O20 C3A F . -4.04 13.61 -10.69
C21 C3A F . -4.19 14.92 -10.33
C22 C3A F . -3.20 15.48 -9.38
C23 C3A F . -1.77 15.38 -9.82
C24 C3A F . -1.01 14.18 -9.62
C25 C3A F . 0.35 14.10 -10.04
C26 C3A F . 0.98 15.23 -10.67
C27 C3A F . 0.22 16.43 -10.88
C28 C3A F . -1.13 16.49 -10.46
C29 C3A F . 2.41 15.10 -11.09
O30 C3A F . 3.03 14.09 -10.76
N31 C3A F . 2.96 16.15 -11.84
C32 C3A F . 4.33 16.16 -12.33
C33 C3A F . 4.69 17.37 -13.25
C34 C3A F . 6.19 17.39 -13.11
C35 C3A F . 7.14 17.99 -13.95
C36 C3A F . 8.53 17.88 -13.60
C37 C3A F . 8.93 17.17 -12.41
C38 C3A F . 7.95 16.58 -11.56
C39 C3A F . 6.58 16.69 -11.93
C40 C3A F . 5.40 16.17 -11.20
N41 C3A F . -5.22 15.51 -10.90
C2 C3A G . -6.06 20.32 2.84
C5 C3A G . -4.44 18.75 5.70
C1 C3A G . -7.07 21.07 3.30
C3 C3A G . -5.46 19.18 3.61
O4 C3A G . -5.02 19.68 4.90
O6 C3A G . -4.29 17.56 5.41
C8 C3A G . -3.42 18.61 8.03
C9 C3A G . -2.37 19.48 8.76
N7 C3A G . -4.07 19.35 6.90
C10 C3A G . -1.24 20.00 7.87
C11 C3A G . -0.21 20.81 8.67
C12 C3A G . -0.72 22.10 9.32
C13 C3A G . 0.53 22.95 9.52
N14 C3A G . 1.60 22.27 8.74
C15 C3A G . 0.94 21.30 7.82
C16 C3A G . -4.56 18.06 9.03
O17 C3A G . -3.97 17.52 10.11
C18 C3A G . -5.34 16.95 8.31
N19 C3A G . -5.06 15.63 8.35
O20 C3A G . -6.03 15.06 7.49
C21 C3A G . -6.77 16.10 7.01
C22 C3A G . -7.85 15.78 6.05
C23 C3A G . -8.89 14.82 6.54
C24 C3A G . -8.59 13.43 6.71
C25 C3A G . -9.59 12.53 7.16
C26 C3A G . -10.91 13.01 7.47
C27 C3A G . -11.21 14.39 7.31
C28 C3A G . -10.20 15.29 6.85
C29 C3A G . -11.92 12.05 7.94
O30 C3A G . -11.74 10.86 7.75
N31 C3A G . -13.03 12.59 8.59
C32 C3A G . -14.14 11.85 9.15
C33 C3A G . -15.07 12.72 10.03
C34 C3A G . -16.32 11.93 10.02
C35 C3A G . -17.40 11.95 10.93
C36 C3A G . -18.49 11.07 10.69
C37 C3A G . -18.48 10.19 9.56
C38 C3A G . -17.40 10.17 8.66
C39 C3A G . -16.32 11.04 8.90
C40 C3A G . -15.07 11.20 8.10
N41 C3A G . -6.40 17.28 7.48
C2 C3A H . 5.75 -19.50 7.21
C5 C3A H . 3.56 -17.43 9.32
C1 C3A H . 5.79 -20.16 6.04
C3 C3A H . 4.84 -18.34 7.50
O4 C3A H . 4.39 -18.44 8.88
O6 C3A H . 3.16 -16.47 8.64
C8 C3A H . 2.40 -16.74 11.48
C9 C3A H . 1.32 -17.54 12.28
N7 C3A H . 3.25 -17.64 10.65
C10 C3A H . 0.34 -18.26 11.36
C11 C3A H . -0.75 -19.03 12.10
C12 C3A H . -0.24 -20.23 12.92
C13 C3A H . -1.45 -21.15 13.00
N14 C3A H . -2.47 -20.57 12.07
C15 C3A H . -1.72 -19.68 11.15
C16 C3A H . 3.39 -15.91 12.43
O17 C3A H . 2.68 -15.19 13.30
C18 C3A H . 4.22 -14.98 11.55
N19 C3A H . 3.86 -13.71 11.22
O20 C3A H . 4.91 -13.28 10.38
C21 C3A H . 5.78 -14.35 10.30
C22 C3A H . 6.98 -14.17 9.45
C23 C3A H . 7.98 -13.19 9.99
C24 C3A H . 7.78 -11.78 9.83
C25 C3A H . 8.73 -10.86 10.33
C26 C3A H . 9.89 -11.33 11.03
C27 C3A H . 10.09 -12.73 11.21
C28 C3A H . 9.14 -13.64 10.69
C29 C3A H . 10.86 -10.32 11.54
O30 C3A H . 10.66 -9.10 11.33
N31 C3A H . 11.96 -10.80 12.24
C32 C3A H . 12.98 -9.92 12.77
C33 C3A H . 13.89 -10.56 13.87
C34 C3A H . 15.07 -9.64 13.78
C35 C3A H . 16.07 -9.40 14.74
C36 C3A H . 17.11 -8.48 14.42
C37 C3A H . 17.12 -7.80 13.15
C38 C3A H . 16.09 -8.06 12.19
C39 C3A H . 15.09 -8.96 12.52
C40 C3A H . 13.93 -9.38 11.69
N41 C3A H . 5.39 -15.40 10.99
#